data_9KVD
#
_entry.id   9KVD
#
_cell.length_a   1.00
_cell.length_b   1.00
_cell.length_c   1.00
_cell.angle_alpha   90.00
_cell.angle_beta   90.00
_cell.angle_gamma   90.00
#
_symmetry.space_group_name_H-M   'P 1'
#
loop_
_entity.id
_entity.type
_entity.pdbx_description
1 polymer 'The heavy chain of 4C11'
2 polymer 'The light chain of 4C11'
3 polymer 'The heavy chain of 4H5'
4 polymer 'The light chain of 4H5'
5 polymer 'Spike protein S1'
6 polymer 'The heavy chain of 3G5'
7 polymer 'The light chain of 3G5'
8 non-polymer 2-acetamido-2-deoxy-beta-D-glucopyranose
#
loop_
_entity_poly.entity_id
_entity_poly.type
_entity_poly.pdbx_seq_one_letter_code
_entity_poly.pdbx_strand_id
1 'polypeptide(L)'
;EVQLVESGGDLVKPGGSLRLSCVASGFTFSRHEMHWVRQAPGEGLEWLSVISETGGTTYYADSVKGRFTISRDNAKNSVF
LQMNSLRAEDTAVYFCVRDGGDPAGTVRFFDYWGQGVLVTVSS
;
A
2 'polypeptide(L)'
;DIQMSQSPSSLSASVGDRVTITCRASQGITSFLNWYQKKPGKAPTLLIYSSNRLASAVPSRFSGSGSGTEFTLTISSLQP
EDFATYYCQQYISFPLTFGGGTKVELK
;
B
3 'polypeptide(L)'
;QVQLQESGPGLVKPSETLSLTCAVSGGSISSGYGWNWIRQPPGKGLEWVGYIYGSSGSTNYNPSLKNRVTISKDASKNQF
SLKVRSVTATDTAIYYCARDTYPSAWSWGYWGQGVLVTVSS
;
D
4 'polypeptide(L)'
;QSVLTQPPSVSGAPGQKVTISCTGSSSNIEVYDVHWYQQLPGTAPKLLIYDNNQRPSGISDRFSGSKSGTSASLAITGLQ
TEDEADYYCQSYDTSLNAYIFGAGTRLTVL
;
F
5 'polypeptide(L)'
;NLCPFGEVFNATRFASVYAWNRKRISNCVADYSVLYNSASFSTFKCYGVSPTKLNDLCFTNVYADSFVIRGDEVRQIAPG
QTGKIADYNYKLPDDFTGCVIAWNSNNLDSKVGGNYNYLYRLFRKSNLKPFERDISTEIYQAGSTPCNGVEGFNCYFPLQ
SYGFQPTNGVGYQPYRVVVLSFELLHAPATVCGP
;
C
6 'polypeptide(L)'
;QVQLQESGPGLVKPSETLSLTCAVSGVSISSFLWNWIRQPPGKGLEWIGEINGNSGSTYYNPSLKSRVTISKDASKSQFS
LILGSVTAADTAVYYCATRDSGPRGVDDYWGQGVLVTVSS
;
E
7 'polypeptide(L)'
;DIVMTQIPLSLPVTPGEPASISCRSSQTLLHSGSAHTSLDWYLQKPGQSPQLLIYMVSNRASGVPDRFSGSGSGTDFTLK
ISRVEAEDVGVYYCMQSVDFPYSFGQGTKVEIK
;
G
#
# COMPACT_ATOMS: atom_id res chain seq x y z
N VAL A 2 -18.37 -10.64 -27.04
CA VAL A 2 -18.80 -10.50 -25.66
C VAL A 2 -20.30 -10.74 -25.56
N GLN A 3 -20.70 -11.58 -24.59
CA GLN A 3 -22.09 -11.95 -24.44
C GLN A 3 -22.33 -12.38 -23.01
N LEU A 4 -23.48 -11.98 -22.46
CA LEU A 4 -23.87 -12.30 -21.09
C LEU A 4 -25.27 -12.87 -21.13
N VAL A 5 -25.44 -14.10 -20.68
CA VAL A 5 -26.71 -14.82 -20.78
C VAL A 5 -27.20 -15.09 -19.37
N GLU A 6 -28.36 -14.53 -19.02
CA GLU A 6 -28.95 -14.77 -17.71
C GLU A 6 -29.64 -16.13 -17.69
N SER A 7 -30.33 -16.41 -16.59
CA SER A 7 -31.12 -17.62 -16.40
C SER A 7 -32.10 -17.35 -15.27
N GLY A 8 -32.74 -18.41 -14.79
CA GLY A 8 -33.47 -18.33 -13.53
C GLY A 8 -34.76 -17.57 -13.54
N GLY A 9 -35.38 -17.38 -14.69
CA GLY A 9 -36.67 -16.70 -14.72
C GLY A 9 -37.77 -17.60 -14.21
N ASP A 10 -38.58 -17.06 -13.31
CA ASP A 10 -39.70 -17.79 -12.71
C ASP A 10 -40.68 -16.79 -12.12
N LEU A 11 -41.74 -17.32 -11.51
CA LEU A 11 -42.71 -16.54 -10.77
C LEU A 11 -42.51 -16.84 -9.29
N VAL A 12 -42.60 -15.80 -8.46
CA VAL A 12 -42.23 -15.89 -7.05
C VAL A 12 -43.48 -15.73 -6.19
N LYS A 13 -43.79 -16.76 -5.40
CA LYS A 13 -44.64 -16.58 -4.24
C LYS A 13 -43.80 -15.98 -3.13
N PRO A 14 -44.28 -14.93 -2.42
CA PRO A 14 -43.40 -14.14 -1.54
C PRO A 14 -42.82 -14.91 -0.36
N GLY A 15 -41.50 -15.13 -0.42
CA GLY A 15 -40.80 -15.89 0.59
C GLY A 15 -40.01 -17.07 0.07
N GLY A 16 -40.12 -17.42 -1.20
CA GLY A 16 -39.43 -18.58 -1.73
C GLY A 16 -37.94 -18.31 -1.96
N SER A 17 -37.27 -19.32 -2.49
CA SER A 17 -35.85 -19.28 -2.77
C SER A 17 -35.63 -19.40 -4.27
N LEU A 18 -34.86 -18.47 -4.82
CA LEU A 18 -34.58 -18.39 -6.25
C LEU A 18 -33.11 -18.00 -6.44
N ARG A 19 -32.53 -18.44 -7.54
CA ARG A 19 -31.14 -18.15 -7.84
C ARG A 19 -30.96 -17.86 -9.32
N LEU A 20 -30.38 -16.72 -9.65
CA LEU A 20 -30.10 -16.41 -11.04
C LEU A 20 -28.68 -16.85 -11.38
N SER A 21 -28.37 -16.88 -12.67
CA SER A 21 -27.04 -17.20 -13.14
C SER A 21 -26.80 -16.50 -14.46
N CYS A 22 -25.88 -15.55 -14.46
CA CYS A 22 -25.48 -14.83 -15.66
C CYS A 22 -24.14 -15.35 -16.13
N VAL A 23 -24.15 -16.24 -17.11
CA VAL A 23 -22.90 -16.75 -17.66
C VAL A 23 -22.31 -15.72 -18.61
N ALA A 24 -21.05 -15.38 -18.41
CA ALA A 24 -20.39 -14.39 -19.23
C ALA A 24 -19.43 -15.06 -20.20
N SER A 25 -19.26 -14.45 -21.36
CA SER A 25 -18.38 -15.01 -22.38
C SER A 25 -17.91 -13.88 -23.28
N GLY A 26 -16.80 -14.14 -23.99
CA GLY A 26 -16.24 -13.19 -24.91
C GLY A 26 -15.13 -12.33 -24.36
N PHE A 27 -14.70 -12.56 -23.12
CA PHE A 27 -13.66 -11.76 -22.49
C PHE A 27 -13.09 -12.55 -21.33
N THR A 28 -11.90 -12.14 -20.88
CA THR A 28 -11.32 -12.75 -19.70
C THR A 28 -12.10 -12.30 -18.45
N PHE A 29 -12.61 -13.28 -17.72
CA PHE A 29 -13.64 -13.02 -16.73
C PHE A 29 -13.09 -12.60 -15.37
N SER A 30 -11.90 -13.05 -15.00
CA SER A 30 -11.40 -12.77 -13.66
C SER A 30 -10.75 -11.40 -13.53
N ARG A 31 -11.04 -10.45 -14.41
CA ARG A 31 -10.41 -9.15 -14.36
C ARG A 31 -11.40 -7.99 -14.38
N HIS A 32 -12.69 -8.25 -14.13
CA HIS A 32 -13.67 -7.19 -14.04
C HIS A 32 -14.66 -7.49 -12.92
N GLU A 33 -15.32 -6.43 -12.46
CA GLU A 33 -16.36 -6.56 -11.46
C GLU A 33 -17.70 -6.73 -12.15
N MET A 34 -18.37 -7.85 -11.91
CA MET A 34 -19.56 -8.23 -12.63
C MET A 34 -20.74 -8.13 -11.67
N HIS A 35 -21.74 -7.32 -12.02
CA HIS A 35 -22.82 -7.08 -11.07
C HIS A 35 -24.15 -6.74 -11.71
N TRP A 36 -25.10 -6.37 -10.85
CA TRP A 36 -26.53 -6.49 -11.11
C TRP A 36 -27.24 -5.15 -10.95
N VAL A 37 -28.03 -4.78 -11.95
CA VAL A 37 -28.84 -3.57 -11.94
C VAL A 37 -30.25 -3.97 -12.33
N ARG A 38 -31.25 -3.45 -11.63
CA ARG A 38 -32.63 -3.86 -11.86
C ARG A 38 -33.50 -2.70 -12.30
N GLN A 39 -34.69 -3.03 -12.80
CA GLN A 39 -35.65 -2.05 -13.29
C GLN A 39 -37.05 -2.59 -13.15
N ALA A 40 -37.83 -2.02 -12.24
CA ALA A 40 -39.24 -2.34 -12.11
C ALA A 40 -40.03 -1.73 -13.27
N PRO A 41 -41.10 -2.39 -13.72
CA PRO A 41 -41.87 -1.84 -14.84
C PRO A 41 -42.61 -0.57 -14.45
N GLY A 42 -42.44 0.47 -15.25
CA GLY A 42 -42.90 1.79 -14.90
C GLY A 42 -41.95 2.59 -14.04
N GLU A 43 -40.85 1.99 -13.62
CA GLU A 43 -39.85 2.65 -12.77
C GLU A 43 -38.52 2.69 -13.49
N GLY A 44 -37.69 3.66 -13.12
CA GLY A 44 -36.36 3.76 -13.66
C GLY A 44 -35.45 2.69 -13.11
N LEU A 45 -34.22 2.69 -13.61
CA LEU A 45 -33.23 1.71 -13.18
C LEU A 45 -32.80 1.97 -11.74
N GLU A 46 -32.28 0.93 -11.11
CA GLU A 46 -31.83 1.01 -9.73
C GLU A 46 -30.72 0.00 -9.51
N TRP A 47 -29.63 0.45 -8.89
CA TRP A 47 -28.47 -0.40 -8.66
C TRP A 47 -28.76 -1.37 -7.53
N LEU A 48 -28.20 -2.57 -7.63
CA LEU A 48 -28.49 -3.62 -6.66
C LEU A 48 -27.28 -4.09 -5.88
N SER A 49 -26.19 -4.46 -6.55
CA SER A 49 -25.08 -5.13 -5.87
C SER A 49 -23.79 -4.89 -6.63
N VAL A 50 -22.68 -5.35 -6.05
CA VAL A 50 -21.38 -5.39 -6.72
C VAL A 50 -20.59 -6.55 -6.13
N ILE A 51 -19.64 -7.10 -6.87
CA ILE A 51 -18.72 -8.10 -6.32
C ILE A 51 -17.38 -7.91 -7.03
N SER A 52 -16.30 -8.22 -6.30
CA SER A 52 -14.95 -7.92 -6.79
C SER A 52 -14.52 -8.95 -7.82
N GLU A 53 -13.29 -8.78 -8.29
CA GLU A 53 -12.74 -9.61 -9.36
C GLU A 53 -12.24 -10.96 -8.88
N THR A 54 -12.35 -11.25 -7.59
CA THR A 54 -11.93 -12.53 -7.06
C THR A 54 -13.00 -13.14 -6.17
N GLY A 55 -14.17 -12.51 -6.10
CA GLY A 55 -15.21 -12.95 -5.19
C GLY A 55 -14.82 -12.66 -3.77
N GLY A 56 -13.97 -11.66 -3.58
CA GLY A 56 -13.42 -11.41 -2.28
C GLY A 56 -14.31 -10.52 -1.44
N THR A 57 -15.01 -9.61 -2.09
CA THR A 57 -15.79 -8.64 -1.34
C THR A 57 -16.96 -8.17 -2.17
N THR A 58 -17.92 -7.53 -1.50
CA THR A 58 -19.15 -7.10 -2.11
C THR A 58 -19.65 -5.83 -1.42
N TYR A 59 -20.68 -5.23 -2.00
CA TYR A 59 -21.34 -4.09 -1.37
C TYR A 59 -22.74 -4.00 -1.94
N TYR A 60 -23.75 -4.07 -1.07
CA TYR A 60 -25.13 -4.04 -1.50
C TYR A 60 -25.72 -2.65 -1.28
N ALA A 61 -26.91 -2.45 -1.84
CA ALA A 61 -27.64 -1.22 -1.60
C ALA A 61 -28.37 -1.32 -0.26
N ASP A 62 -29.08 -0.26 0.10
CA ASP A 62 -29.78 -0.23 1.39
C ASP A 62 -31.00 -1.13 1.37
N SER A 63 -31.70 -1.20 0.24
CA SER A 63 -32.98 -1.89 0.20
C SER A 63 -32.80 -3.39 0.20
N VAL A 64 -31.68 -3.88 -0.33
CA VAL A 64 -31.51 -5.30 -0.55
C VAL A 64 -30.45 -5.90 0.36
N LYS A 65 -29.98 -5.14 1.35
CA LYS A 65 -28.91 -5.63 2.22
C LYS A 65 -29.44 -6.66 3.20
N GLY A 66 -28.81 -7.83 3.23
CA GLY A 66 -29.19 -8.86 4.17
C GLY A 66 -30.02 -9.97 3.57
N ARG A 67 -30.77 -9.64 2.52
CA ARG A 67 -31.65 -10.63 1.89
C ARG A 67 -30.96 -11.35 0.74
N PHE A 68 -30.15 -10.62 -0.03
CA PHE A 68 -29.55 -11.18 -1.24
C PHE A 68 -28.09 -11.61 -0.98
N THR A 69 -27.54 -12.34 -1.93
CA THR A 69 -26.16 -12.79 -1.86
C THR A 69 -25.63 -12.93 -3.28
N ILE A 70 -24.63 -12.13 -3.63
CA ILE A 70 -23.98 -12.19 -4.93
C ILE A 70 -22.76 -13.09 -4.83
N SER A 71 -22.51 -13.85 -5.88
CA SER A 71 -21.41 -14.80 -5.86
C SER A 71 -20.90 -15.01 -7.28
N ARG A 72 -19.77 -15.70 -7.40
CA ARG A 72 -19.14 -15.96 -8.68
C ARG A 72 -18.16 -17.11 -8.53
N ASP A 73 -17.93 -17.81 -9.63
CA ASP A 73 -16.91 -18.85 -9.72
C ASP A 73 -16.13 -18.58 -10.99
N ASN A 74 -14.86 -18.20 -10.84
CA ASN A 74 -14.06 -17.75 -11.98
C ASN A 74 -13.69 -18.88 -12.93
N ALA A 75 -13.88 -20.14 -12.54
CA ALA A 75 -13.68 -21.26 -13.45
C ALA A 75 -14.91 -21.52 -14.30
N LYS A 76 -16.10 -21.32 -13.74
CA LYS A 76 -17.34 -21.55 -14.44
C LYS A 76 -17.80 -20.32 -15.22
N ASN A 77 -17.13 -19.18 -15.01
CA ASN A 77 -17.37 -17.92 -15.74
C ASN A 77 -18.81 -17.44 -15.60
N SER A 78 -19.31 -17.44 -14.37
CA SER A 78 -20.70 -17.10 -14.13
C SER A 78 -20.84 -16.33 -12.83
N VAL A 79 -21.83 -15.43 -12.79
CA VAL A 79 -22.18 -14.70 -11.58
C VAL A 79 -23.62 -15.04 -11.20
N PHE A 80 -23.88 -15.10 -9.91
CA PHE A 80 -25.14 -15.59 -9.38
C PHE A 80 -25.81 -14.51 -8.53
N LEU A 81 -27.04 -14.79 -8.13
CA LEU A 81 -27.73 -13.95 -7.15
C LEU A 81 -28.67 -14.86 -6.36
N GLN A 82 -28.19 -15.39 -5.23
CA GLN A 82 -28.99 -16.22 -4.36
C GLN A 82 -29.92 -15.31 -3.56
N MET A 83 -31.21 -15.37 -3.86
CA MET A 83 -32.17 -14.44 -3.29
C MET A 83 -33.03 -15.12 -2.23
N ASN A 84 -33.32 -14.36 -1.18
CA ASN A 84 -34.17 -14.82 -0.09
C ASN A 84 -35.05 -13.65 0.34
N SER A 85 -36.18 -14.00 0.97
CA SER A 85 -37.15 -13.04 1.52
C SER A 85 -37.67 -12.07 0.46
N LEU A 86 -38.06 -12.62 -0.69
CA LEU A 86 -38.49 -11.84 -1.83
C LEU A 86 -39.81 -11.13 -1.56
N ARG A 87 -39.75 -9.82 -1.37
CA ARG A 87 -40.94 -9.05 -1.07
C ARG A 87 -41.77 -8.85 -2.34
N ALA A 88 -42.85 -8.07 -2.20
CA ALA A 88 -43.77 -7.89 -3.32
C ALA A 88 -43.19 -6.95 -4.37
N GLU A 89 -42.32 -6.04 -3.96
CA GLU A 89 -41.78 -5.02 -4.85
C GLU A 89 -40.57 -5.50 -5.65
N ASP A 90 -40.18 -6.76 -5.50
CA ASP A 90 -39.07 -7.30 -6.28
C ASP A 90 -39.57 -8.01 -7.54
N THR A 91 -40.42 -7.33 -8.30
CA THR A 91 -40.90 -7.81 -9.58
C THR A 91 -40.33 -6.88 -10.64
N ALA A 92 -39.26 -7.30 -11.29
CA ALA A 92 -38.47 -6.42 -12.15
C ALA A 92 -37.69 -7.29 -13.12
N VAL A 93 -36.94 -6.63 -14.01
CA VAL A 93 -35.97 -7.30 -14.86
C VAL A 93 -34.60 -7.13 -14.23
N TYR A 94 -33.83 -8.21 -14.20
CA TYR A 94 -32.53 -8.23 -13.52
C TYR A 94 -31.42 -8.36 -14.55
N PHE A 95 -30.68 -7.28 -14.76
CA PHE A 95 -29.58 -7.23 -15.72
C PHE A 95 -28.30 -7.65 -15.02
N CYS A 96 -27.38 -8.24 -15.76
CA CYS A 96 -26.03 -8.47 -15.27
C CYS A 96 -25.05 -7.65 -16.09
N VAL A 97 -24.17 -6.91 -15.39
CA VAL A 97 -23.43 -5.82 -15.99
C VAL A 97 -21.94 -6.09 -15.82
N ARG A 98 -21.14 -5.48 -16.67
CA ARG A 98 -19.71 -5.70 -16.64
C ARG A 98 -19.10 -4.35 -16.56
N ASP A 99 -18.67 -3.97 -15.38
CA ASP A 99 -17.99 -2.71 -15.29
C ASP A 99 -16.75 -2.90 -16.14
N GLY A 100 -16.47 -1.92 -16.97
CA GLY A 100 -15.31 -2.02 -17.83
C GLY A 100 -14.39 -0.99 -17.28
N GLY A 101 -13.12 -1.35 -17.15
CA GLY A 101 -12.16 -0.46 -16.55
C GLY A 101 -11.29 -1.39 -15.75
N ASP A 102 -10.09 -0.96 -15.42
CA ASP A 102 -9.25 -1.80 -14.63
C ASP A 102 -9.89 -1.78 -13.29
N PRO A 103 -9.71 -2.84 -12.52
CA PRO A 103 -10.28 -2.68 -11.20
C PRO A 103 -9.62 -1.49 -10.52
N ALA A 104 -8.31 -1.25 -10.71
CA ALA A 104 -7.66 -0.04 -10.15
C ALA A 104 -7.61 1.05 -11.16
N GLY A 105 -8.52 1.98 -11.08
CA GLY A 105 -8.48 3.10 -11.99
C GLY A 105 -9.42 4.06 -11.41
N THR A 106 -9.38 5.29 -11.86
CA THR A 106 -10.36 6.25 -11.41
C THR A 106 -11.59 6.17 -12.33
N VAL A 107 -11.59 5.24 -13.29
CA VAL A 107 -12.70 5.10 -14.23
C VAL A 107 -13.64 3.94 -13.95
N ARG A 108 -14.90 4.20 -13.61
CA ARG A 108 -15.86 3.14 -13.44
C ARG A 108 -16.92 3.39 -14.47
N PHE A 109 -17.18 2.43 -15.36
CA PHE A 109 -18.26 2.58 -16.33
C PHE A 109 -18.79 1.22 -16.74
N PHE A 110 -20.03 1.15 -17.22
CA PHE A 110 -20.60 -0.14 -17.53
C PHE A 110 -20.47 -0.38 -19.00
N ASP A 111 -19.71 -1.40 -19.36
CA ASP A 111 -19.44 -1.66 -20.74
C ASP A 111 -20.51 -2.45 -21.38
N TYR A 112 -20.61 -3.72 -21.04
CA TYR A 112 -21.57 -4.55 -21.74
C TYR A 112 -22.61 -5.06 -20.78
N TRP A 113 -23.86 -4.73 -21.05
CA TRP A 113 -25.00 -5.18 -20.27
C TRP A 113 -25.41 -6.59 -20.66
N GLY A 114 -26.18 -7.21 -19.80
CA GLY A 114 -26.93 -8.38 -20.20
C GLY A 114 -28.33 -7.99 -20.62
N GLN A 115 -29.01 -8.92 -21.29
CA GLN A 115 -30.34 -8.64 -21.82
C GLN A 115 -31.39 -8.52 -20.73
N GLY A 116 -31.22 -9.24 -19.62
CA GLY A 116 -32.12 -9.10 -18.49
C GLY A 116 -33.24 -10.10 -18.49
N VAL A 117 -33.37 -10.86 -17.40
CA VAL A 117 -34.42 -11.85 -17.28
C VAL A 117 -35.49 -11.29 -16.34
N LEU A 118 -36.73 -11.68 -16.58
CA LEU A 118 -37.87 -11.16 -15.83
C LEU A 118 -38.21 -12.11 -14.69
N VAL A 119 -38.35 -11.56 -13.49
CA VAL A 119 -38.74 -12.33 -12.30
C VAL A 119 -39.91 -11.60 -11.65
N THR A 120 -41.05 -12.29 -11.52
CA THR A 120 -42.26 -11.71 -10.99
C THR A 120 -42.55 -12.25 -9.60
N VAL A 121 -42.85 -11.35 -8.68
CA VAL A 121 -43.08 -11.70 -7.28
C VAL A 121 -44.57 -11.54 -6.99
N SER A 122 -45.28 -12.66 -6.95
CA SER A 122 -46.73 -12.62 -6.72
C SER A 122 -47.17 -13.84 -5.93
N ASP B 1 -27.36 8.63 -0.16
CA ASP B 1 -26.33 8.97 -1.13
C ASP B 1 -26.69 10.17 -1.98
N ILE B 2 -25.99 10.33 -3.10
CA ILE B 2 -26.24 11.45 -4.00
C ILE B 2 -27.40 11.08 -4.93
N GLN B 3 -28.44 11.89 -4.91
CA GLN B 3 -29.62 11.67 -5.73
C GLN B 3 -29.50 12.48 -7.02
N MET B 4 -29.29 11.78 -8.14
CA MET B 4 -29.19 12.43 -9.43
C MET B 4 -30.60 12.69 -9.94
N SER B 5 -30.82 13.87 -10.51
CA SER B 5 -32.14 14.27 -10.97
C SER B 5 -32.04 14.92 -12.34
N GLN B 6 -32.54 14.23 -13.35
CA GLN B 6 -32.49 14.75 -14.71
C GLN B 6 -33.57 15.81 -14.92
N SER B 7 -33.45 16.51 -16.04
CA SER B 7 -34.43 17.50 -16.48
C SER B 7 -34.24 17.69 -17.97
N PRO B 8 -35.32 17.86 -18.74
CA PRO B 8 -36.72 17.82 -18.34
C PRO B 8 -37.27 16.41 -18.30
N SER B 9 -38.59 16.28 -18.28
CA SER B 9 -39.21 14.96 -18.27
C SER B 9 -39.01 14.26 -19.60
N SER B 10 -39.42 14.90 -20.68
CA SER B 10 -39.28 14.34 -22.01
C SER B 10 -38.88 15.43 -22.98
N LEU B 11 -38.50 15.02 -24.19
CA LEU B 11 -38.12 15.96 -25.22
C LEU B 11 -38.60 15.45 -26.56
N SER B 12 -39.03 16.37 -27.42
CA SER B 12 -39.45 16.03 -28.77
C SER B 12 -39.36 17.27 -29.64
N ALA B 13 -38.79 17.10 -30.83
CA ALA B 13 -38.67 18.17 -31.82
C ALA B 13 -38.47 17.52 -33.18
N SER B 14 -38.13 18.34 -34.17
CA SER B 14 -37.89 17.83 -35.50
C SER B 14 -36.54 17.11 -35.57
N VAL B 15 -36.45 16.13 -36.47
CA VAL B 15 -35.22 15.38 -36.62
C VAL B 15 -34.18 16.25 -37.32
N GLY B 16 -33.01 16.34 -36.69
CA GLY B 16 -31.93 17.14 -37.22
C GLY B 16 -31.60 18.38 -36.40
N ASP B 17 -32.38 18.67 -35.36
CA ASP B 17 -32.09 19.82 -34.52
C ASP B 17 -31.01 19.46 -33.50
N ARG B 18 -30.68 20.43 -32.65
CA ARG B 18 -29.74 20.23 -31.56
C ARG B 18 -30.52 20.15 -30.25
N VAL B 19 -30.71 18.94 -29.75
CA VAL B 19 -31.46 18.71 -28.52
C VAL B 19 -30.46 18.67 -27.37
N THR B 20 -30.95 18.94 -26.16
CA THR B 20 -30.10 18.95 -24.98
C THR B 20 -30.74 18.16 -23.86
N ILE B 21 -29.91 17.71 -22.92
CA ILE B 21 -30.36 16.96 -21.76
C ILE B 21 -29.36 17.19 -20.64
N THR B 22 -29.87 17.32 -19.42
CA THR B 22 -29.04 17.62 -18.26
C THR B 22 -29.23 16.56 -17.18
N CYS B 23 -28.27 16.52 -16.25
CA CYS B 23 -28.34 15.64 -15.09
C CYS B 23 -27.76 16.40 -13.90
N ARG B 24 -28.61 17.09 -13.15
CA ARG B 24 -28.19 17.81 -11.96
C ARG B 24 -27.95 16.83 -10.81
N ALA B 25 -27.38 17.36 -9.73
CA ALA B 25 -27.04 16.54 -8.57
C ALA B 25 -27.31 17.31 -7.29
N SER B 26 -27.11 16.63 -6.16
CA SER B 26 -27.29 17.22 -4.85
C SER B 26 -25.95 17.49 -4.14
N GLN B 27 -25.12 16.47 -3.99
CA GLN B 27 -23.77 16.61 -3.45
C GLN B 27 -22.77 16.51 -4.59
N GLY B 28 -21.54 16.91 -4.34
CA GLY B 28 -20.59 17.09 -5.42
C GLY B 28 -20.02 15.77 -5.92
N ILE B 29 -20.12 15.55 -7.22
CA ILE B 29 -19.43 14.48 -7.92
C ILE B 29 -18.59 15.11 -9.00
N THR B 30 -17.28 15.23 -8.74
CA THR B 30 -16.40 16.09 -9.52
C THR B 30 -16.14 15.47 -10.88
N SER B 31 -17.04 15.74 -11.83
CA SER B 31 -16.95 15.39 -13.24
C SER B 31 -16.77 13.91 -13.48
N PHE B 32 -17.68 13.06 -13.01
CA PHE B 32 -17.53 11.63 -13.21
C PHE B 32 -18.57 11.07 -14.17
N LEU B 33 -19.78 11.66 -14.17
CA LEU B 33 -21.04 11.14 -14.72
C LEU B 33 -20.99 10.36 -16.02
N ASN B 34 -21.55 9.15 -16.05
CA ASN B 34 -21.69 8.40 -17.29
C ASN B 34 -23.11 8.56 -17.81
N TRP B 35 -23.25 8.54 -19.14
CA TRP B 35 -24.55 8.53 -19.77
C TRP B 35 -24.77 7.18 -20.47
N TYR B 36 -25.96 6.62 -20.28
CA TYR B 36 -26.32 5.33 -20.87
C TYR B 36 -27.48 5.55 -21.83
N GLN B 37 -27.58 4.71 -22.86
CA GLN B 37 -28.65 4.82 -23.83
C GLN B 37 -29.48 3.55 -23.84
N LYS B 38 -30.76 3.69 -23.51
CA LYS B 38 -31.69 2.57 -23.47
C LYS B 38 -32.83 2.80 -24.45
N LYS B 39 -32.95 1.90 -25.43
CA LYS B 39 -34.09 1.77 -26.29
C LYS B 39 -35.09 0.80 -25.68
N PRO B 40 -36.40 1.05 -25.85
CA PRO B 40 -37.40 0.20 -25.20
C PRO B 40 -37.44 -1.20 -25.78
N GLY B 41 -37.22 -2.18 -24.92
CA GLY B 41 -37.26 -3.57 -25.32
C GLY B 41 -35.93 -4.28 -25.35
N LYS B 42 -34.82 -3.56 -25.35
CA LYS B 42 -33.51 -4.17 -25.36
C LYS B 42 -32.74 -3.74 -24.11
N ALA B 43 -31.51 -4.21 -24.01
CA ALA B 43 -30.63 -3.80 -22.93
C ALA B 43 -30.13 -2.37 -23.18
N PRO B 44 -29.84 -1.60 -22.13
CA PRO B 44 -29.24 -0.28 -22.35
C PRO B 44 -27.80 -0.39 -22.83
N THR B 45 -27.28 0.72 -23.35
CA THR B 45 -25.94 0.75 -23.90
C THR B 45 -25.19 1.97 -23.40
N LEU B 46 -23.88 1.81 -23.22
CA LEU B 46 -23.01 2.91 -22.79
C LEU B 46 -22.86 3.93 -23.92
N LEU B 47 -23.08 5.20 -23.59
CA LEU B 47 -22.96 6.26 -24.58
C LEU B 47 -21.63 7.00 -24.48
N ILE B 48 -21.37 7.65 -23.34
CA ILE B 48 -20.11 8.35 -23.09
C ILE B 48 -19.70 8.07 -21.65
N TYR B 49 -18.41 8.13 -21.36
CA TYR B 49 -17.93 7.96 -20.00
C TYR B 49 -17.10 9.16 -19.59
N SER B 50 -17.05 9.38 -18.27
CA SER B 50 -16.38 10.49 -17.60
C SER B 50 -16.86 11.85 -18.05
N SER B 51 -18.11 11.91 -18.55
CA SER B 51 -18.86 13.09 -18.98
C SER B 51 -18.29 13.80 -20.21
N ASN B 52 -17.13 13.38 -20.69
CA ASN B 52 -16.60 13.93 -21.92
C ASN B 52 -16.30 12.84 -22.94
N ARG B 53 -15.61 11.80 -22.49
CA ARG B 53 -15.02 10.83 -23.40
C ARG B 53 -16.07 9.90 -23.97
N LEU B 54 -16.08 9.76 -25.29
CA LEU B 54 -17.00 8.86 -25.95
C LEU B 54 -16.55 7.42 -25.80
N ALA B 55 -17.49 6.51 -26.01
CA ALA B 55 -17.25 5.10 -25.78
C ALA B 55 -16.83 4.41 -27.07
N SER B 56 -16.70 3.08 -26.99
CA SER B 56 -16.31 2.30 -28.16
C SER B 56 -17.50 2.16 -29.09
N ALA B 57 -17.25 2.38 -30.39
CA ALA B 57 -18.19 2.26 -31.52
C ALA B 57 -19.36 3.24 -31.46
N VAL B 58 -19.35 4.18 -30.53
CA VAL B 58 -20.38 5.23 -30.57
C VAL B 58 -20.01 6.23 -31.66
N PRO B 59 -20.93 6.57 -32.56
CA PRO B 59 -20.60 7.56 -33.59
C PRO B 59 -20.45 8.95 -32.98
N SER B 60 -19.89 9.87 -33.77
CA SER B 60 -19.50 11.16 -33.24
C SER B 60 -20.65 12.15 -33.13
N ARG B 61 -21.90 11.68 -33.15
CA ARG B 61 -23.03 12.61 -33.08
C ARG B 61 -23.17 13.18 -31.67
N PHE B 62 -23.18 12.33 -30.66
CA PHE B 62 -23.44 12.79 -29.30
C PHE B 62 -22.16 13.22 -28.61
N SER B 63 -22.27 14.27 -27.79
CA SER B 63 -21.14 14.82 -27.06
C SER B 63 -21.63 15.34 -25.72
N GLY B 64 -20.77 15.25 -24.71
CA GLY B 64 -21.12 15.64 -23.37
C GLY B 64 -20.18 16.69 -22.83
N SER B 65 -20.55 17.22 -21.67
CA SER B 65 -19.79 18.27 -21.01
C SER B 65 -20.15 18.25 -19.53
N GLY B 66 -19.80 19.31 -18.82
CA GLY B 66 -20.25 19.49 -17.45
C GLY B 66 -19.11 19.37 -16.44
N SER B 67 -19.32 20.00 -15.29
CA SER B 67 -18.33 20.00 -14.22
C SER B 67 -19.04 20.22 -12.90
N GLY B 68 -18.59 19.49 -11.88
CA GLY B 68 -19.13 19.65 -10.55
C GLY B 68 -20.52 19.07 -10.38
N THR B 69 -21.50 19.93 -10.14
CA THR B 69 -22.87 19.45 -9.91
C THR B 69 -23.73 19.49 -11.16
N GLU B 70 -23.53 20.49 -12.03
CA GLU B 70 -24.36 20.64 -13.22
C GLU B 70 -23.69 19.97 -14.41
N PHE B 71 -24.43 19.06 -15.05
CA PHE B 71 -23.94 18.27 -16.16
C PHE B 71 -24.89 18.41 -17.33
N THR B 72 -24.40 18.13 -18.53
CA THR B 72 -25.20 18.37 -19.74
C THR B 72 -24.76 17.43 -20.84
N LEU B 73 -25.73 16.75 -21.47
CA LEU B 73 -25.51 15.96 -22.68
C LEU B 73 -26.11 16.70 -23.87
N THR B 74 -25.33 16.82 -24.95
CA THR B 74 -25.75 17.56 -26.13
C THR B 74 -26.03 16.59 -27.26
N ILE B 75 -27.30 16.46 -27.62
CA ILE B 75 -27.70 15.75 -28.84
C ILE B 75 -27.50 16.72 -29.99
N SER B 76 -26.34 16.63 -30.65
CA SER B 76 -25.91 17.64 -31.61
C SER B 76 -26.70 17.59 -32.91
N SER B 77 -26.60 16.49 -33.64
CA SER B 77 -27.32 16.30 -34.90
C SER B 77 -28.14 15.03 -34.77
N LEU B 78 -29.46 15.18 -34.72
CA LEU B 78 -30.32 14.05 -34.43
C LEU B 78 -30.45 13.14 -35.64
N GLN B 79 -30.05 11.90 -35.47
CA GLN B 79 -30.31 10.82 -36.40
C GLN B 79 -31.63 10.17 -36.05
N PRO B 80 -32.34 9.58 -37.02
CA PRO B 80 -33.65 9.00 -36.72
C PRO B 80 -33.61 7.72 -35.90
N GLU B 81 -32.43 7.15 -35.62
CA GLU B 81 -32.32 5.94 -34.83
C GLU B 81 -31.98 6.21 -33.36
N ASP B 82 -32.44 7.34 -32.82
CA ASP B 82 -32.05 7.76 -31.48
C ASP B 82 -33.21 8.10 -30.56
N PHE B 83 -34.45 7.89 -31.00
CA PHE B 83 -35.59 8.18 -30.15
C PHE B 83 -35.70 7.13 -29.05
N ALA B 84 -35.22 7.46 -27.86
CA ALA B 84 -35.05 6.47 -26.80
C ALA B 84 -35.01 7.20 -25.45
N THR B 85 -34.57 6.48 -24.42
CA THR B 85 -34.43 7.03 -23.07
C THR B 85 -32.98 6.96 -22.64
N TYR B 86 -32.53 7.98 -21.89
CA TYR B 86 -31.14 8.12 -21.49
C TYR B 86 -31.03 8.19 -19.98
N TYR B 87 -30.04 7.49 -19.42
CA TYR B 87 -29.85 7.42 -17.98
C TYR B 87 -28.46 7.93 -17.62
N CYS B 88 -28.40 8.83 -16.64
CA CYS B 88 -27.12 9.35 -16.14
C CYS B 88 -26.77 8.64 -14.84
N GLN B 89 -25.46 8.43 -14.62
CA GLN B 89 -24.98 7.56 -13.55
C GLN B 89 -23.73 8.16 -12.93
N GLN B 90 -23.72 8.27 -11.61
CA GLN B 90 -22.56 8.77 -10.87
C GLN B 90 -21.91 7.63 -10.09
N TYR B 91 -20.61 7.75 -9.85
CA TYR B 91 -19.85 6.68 -9.21
C TYR B 91 -18.79 7.19 -8.24
N ILE B 92 -18.98 8.38 -7.66
CA ILE B 92 -18.01 8.87 -6.68
C ILE B 92 -18.20 8.18 -5.34
N SER B 93 -19.40 7.64 -5.09
CA SER B 93 -19.68 7.02 -3.81
C SER B 93 -20.75 5.95 -3.96
N PHE B 94 -20.53 4.81 -3.33
CA PHE B 94 -21.57 3.82 -3.15
C PHE B 94 -22.71 4.38 -2.30
N PRO B 95 -23.96 3.96 -2.55
CA PRO B 95 -24.43 3.10 -3.64
C PRO B 95 -24.61 3.88 -4.93
N LEU B 96 -24.42 3.20 -6.07
CA LEU B 96 -24.53 3.86 -7.37
C LEU B 96 -25.98 4.25 -7.62
N THR B 97 -26.18 5.42 -8.22
CA THR B 97 -27.50 6.00 -8.31
C THR B 97 -27.72 6.47 -9.73
N PHE B 98 -28.70 5.89 -10.41
CA PHE B 98 -28.92 6.24 -11.80
C PHE B 98 -29.91 7.39 -11.87
N GLY B 99 -30.00 7.99 -13.03
CA GLY B 99 -30.98 9.03 -13.23
C GLY B 99 -32.38 8.48 -13.41
N GLY B 100 -33.33 9.39 -13.55
CA GLY B 100 -34.71 8.99 -13.75
C GLY B 100 -35.06 8.60 -15.17
N GLY B 101 -34.25 9.00 -16.13
CA GLY B 101 -34.53 8.70 -17.52
C GLY B 101 -35.24 9.82 -18.23
N THR B 102 -34.66 10.30 -19.31
CA THR B 102 -35.28 11.34 -20.15
C THR B 102 -35.62 10.72 -21.49
N LYS B 103 -36.90 10.73 -21.83
CA LYS B 103 -37.39 10.08 -23.04
C LYS B 103 -37.40 11.09 -24.18
N VAL B 104 -36.64 10.82 -25.23
CA VAL B 104 -36.66 11.63 -26.44
C VAL B 104 -37.47 10.88 -27.48
N GLU B 105 -38.25 11.62 -28.26
CA GLU B 105 -39.15 11.04 -29.24
C GLU B 105 -39.14 11.87 -30.53
N LEU B 106 -39.25 11.19 -31.66
CA LEU B 106 -39.20 11.84 -32.97
C LEU B 106 -40.51 12.56 -33.23
N LYS B 107 -40.52 13.87 -32.98
CA LYS B 107 -41.65 14.78 -33.20
C LYS B 107 -42.92 14.34 -32.47
N VAL C 2 11.63 -8.17 33.79
CA VAL C 2 12.50 -8.96 34.64
C VAL C 2 13.91 -8.39 34.68
N GLN C 3 14.85 -9.20 35.15
CA GLN C 3 16.21 -8.72 35.32
C GLN C 3 16.92 -8.61 33.98
N LEU C 4 17.73 -7.56 33.84
CA LEU C 4 18.52 -7.32 32.64
C LEU C 4 19.73 -6.49 33.03
N GLN C 5 20.93 -7.02 32.83
CA GLN C 5 22.16 -6.40 33.29
C GLN C 5 23.10 -6.20 32.11
N GLU C 6 23.64 -5.00 31.96
CA GLU C 6 24.51 -4.70 30.84
C GLU C 6 25.95 -5.13 31.12
N SER C 7 26.80 -4.88 30.13
CA SER C 7 28.23 -5.10 30.23
C SER C 7 28.91 -4.31 29.14
N GLY C 8 30.24 -4.36 29.13
CA GLY C 8 31.01 -3.77 28.05
C GLY C 8 31.99 -2.73 28.51
N PRO C 9 32.97 -2.41 27.66
CA PRO C 9 33.94 -1.36 28.00
C PRO C 9 33.33 0.02 27.84
N GLY C 10 33.82 0.97 28.63
CA GLY C 10 33.29 2.31 28.64
C GLY C 10 34.13 3.38 28.00
N LEU C 11 35.33 3.05 27.52
CA LEU C 11 36.20 4.01 26.87
C LEU C 11 36.70 3.44 25.56
N VAL C 12 36.67 4.27 24.51
CA VAL C 12 37.01 3.83 23.17
C VAL C 12 37.73 4.95 22.43
N LYS C 13 38.58 4.58 21.47
CA LYS C 13 39.13 5.53 20.50
C LYS C 13 38.14 5.65 19.34
N PRO C 14 38.06 6.81 18.67
CA PRO C 14 37.08 6.95 17.58
C PRO C 14 37.40 6.06 16.39
N SER C 15 36.38 5.85 15.57
CA SER C 15 36.37 4.92 14.43
C SER C 15 36.73 3.50 14.87
N GLU C 16 35.88 2.95 15.74
CA GLU C 16 36.01 1.57 16.19
C GLU C 16 34.61 1.04 16.50
N THR C 17 34.53 -0.20 16.95
CA THR C 17 33.26 -0.84 17.24
C THR C 17 33.14 -1.13 18.73
N LEU C 18 32.13 -0.55 19.36
CA LEU C 18 31.86 -0.75 20.78
C LEU C 18 30.85 -1.87 20.98
N SER C 19 31.11 -2.74 21.95
CA SER C 19 30.30 -3.92 22.18
C SER C 19 29.74 -3.90 23.59
N LEU C 20 28.42 -4.03 23.68
CA LEU C 20 27.69 -3.93 24.95
C LEU C 20 26.68 -5.05 24.99
N THR C 21 26.81 -5.95 25.95
CA THR C 21 25.90 -7.09 26.06
C THR C 21 25.01 -6.92 27.27
N CYS C 22 23.70 -6.97 27.06
CA CYS C 22 22.71 -6.85 28.13
C CYS C 22 22.28 -8.26 28.54
N ALA C 23 22.90 -8.79 29.59
CA ALA C 23 22.56 -10.11 30.08
C ALA C 23 21.25 -10.05 30.85
N VAL C 24 20.30 -10.88 30.44
CA VAL C 24 18.96 -10.89 31.04
C VAL C 24 18.77 -12.18 31.81
N SER C 25 17.79 -12.17 32.70
CA SER C 25 17.46 -13.35 33.51
C SER C 25 15.99 -13.26 33.89
N GLY C 26 15.44 -14.42 34.27
CA GLY C 26 14.05 -14.52 34.60
C GLY C 26 13.14 -14.81 33.44
N GLY C 27 13.59 -14.61 32.21
CA GLY C 27 12.79 -14.95 31.05
C GLY C 27 13.70 -15.19 29.86
N SER C 28 13.28 -16.14 29.02
CA SER C 28 14.07 -16.53 27.87
C SER C 28 13.95 -15.49 26.76
N ILE C 29 15.04 -15.32 26.00
CA ILE C 29 15.03 -14.31 24.95
C ILE C 29 14.26 -14.79 23.73
N SER C 30 14.19 -16.11 23.53
CA SER C 30 13.47 -16.67 22.38
C SER C 30 11.97 -16.62 22.68
N SER C 31 11.38 -15.47 22.39
CA SER C 31 9.97 -15.27 22.70
C SER C 31 9.41 -14.26 21.72
N GLY C 32 8.16 -13.87 21.96
CA GLY C 32 7.51 -12.87 21.15
C GLY C 32 7.77 -11.46 21.64
N TYR C 33 8.71 -11.33 22.56
CA TYR C 33 9.03 -10.05 23.15
C TYR C 33 9.99 -9.27 22.26
N GLY C 34 9.89 -7.94 22.33
CA GLY C 34 10.72 -7.08 21.51
C GLY C 34 11.81 -6.37 22.30
N TRP C 35 13.05 -6.81 22.12
CA TRP C 35 14.16 -6.35 22.93
C TRP C 35 14.82 -5.14 22.29
N ASN C 36 15.47 -4.31 23.11
CA ASN C 36 15.71 -2.92 22.75
C ASN C 36 17.05 -2.41 23.26
N TRP C 37 17.54 -1.36 22.59
CA TRP C 37 18.56 -0.47 23.09
C TRP C 37 18.05 0.96 22.99
N ILE C 38 18.37 1.78 23.99
CA ILE C 38 18.02 3.19 24.00
C ILE C 38 19.17 3.94 24.64
N ARG C 39 19.69 4.94 23.95
CA ARG C 39 20.82 5.69 24.47
C ARG C 39 20.40 7.09 24.86
N GLN C 40 21.21 7.72 25.69
CA GLN C 40 20.94 9.08 26.18
C GLN C 40 22.26 9.84 26.30
N PRO C 41 22.46 10.90 25.54
CA PRO C 41 23.59 11.78 25.81
C PRO C 41 23.41 12.45 27.15
N PRO C 42 24.52 12.77 27.84
CA PRO C 42 24.41 13.17 29.26
C PRO C 42 23.78 14.54 29.46
N GLY C 43 23.68 15.35 28.42
CA GLY C 43 22.99 16.62 28.58
C GLY C 43 21.55 16.61 28.10
N LYS C 44 21.32 16.10 26.89
CA LYS C 44 20.08 16.44 26.18
C LYS C 44 18.92 15.57 26.62
N GLY C 45 18.96 14.29 26.37
CA GLY C 45 17.83 13.43 26.64
C GLY C 45 17.81 12.23 25.72
N LEU C 46 16.82 11.35 25.96
CA LEU C 46 16.76 10.03 25.35
C LEU C 46 16.54 10.10 23.83
N GLU C 47 16.94 9.03 23.17
CA GLU C 47 16.77 8.83 21.74
C GLU C 47 16.89 7.36 21.41
N TRP C 48 15.89 6.81 20.75
CA TRP C 48 15.87 5.38 20.44
C TRP C 48 16.92 5.03 19.39
N VAL C 49 17.56 3.88 19.58
CA VAL C 49 18.63 3.46 18.68
C VAL C 49 18.40 2.09 18.05
N GLY C 50 17.73 1.15 18.68
CA GLY C 50 17.61 -0.16 18.07
C GLY C 50 16.44 -0.96 18.61
N TYR C 51 16.30 -2.17 18.05
CA TYR C 51 15.17 -3.06 18.31
C TYR C 51 15.48 -4.43 17.76
N ILE C 52 15.02 -5.49 18.44
CA ILE C 52 15.18 -6.84 17.92
C ILE C 52 14.04 -7.69 18.46
N TYR C 53 13.42 -8.44 17.58
CA TYR C 53 12.33 -9.34 17.95
C TYR C 53 12.94 -10.63 18.47
N GLY C 54 12.28 -11.24 19.46
CA GLY C 54 12.92 -12.29 20.22
C GLY C 54 12.97 -13.62 19.49
N SER C 55 11.87 -14.01 18.84
CA SER C 55 11.78 -15.35 18.29
C SER C 55 12.59 -15.47 17.00
N SER C 56 12.22 -14.70 15.98
CA SER C 56 12.85 -14.79 14.68
C SER C 56 14.25 -14.16 14.68
N GLY C 57 14.37 -12.98 15.28
CA GLY C 57 15.62 -12.27 15.31
C GLY C 57 15.75 -11.19 14.27
N SER C 58 14.66 -10.78 13.63
CA SER C 58 14.72 -9.70 12.68
C SER C 58 14.99 -8.39 13.40
N THR C 59 15.89 -7.59 12.85
CA THR C 59 16.41 -6.40 13.50
C THR C 59 15.89 -5.16 12.81
N ASN C 60 15.54 -4.15 13.59
CA ASN C 60 14.98 -2.91 13.08
C ASN C 60 15.68 -1.75 13.76
N TYR C 61 16.26 -0.86 12.97
CA TYR C 61 17.08 0.21 13.54
C TYR C 61 16.41 1.55 13.28
N ASN C 62 17.02 2.59 13.81
CA ASN C 62 16.74 4.00 13.74
C ASN C 62 17.41 4.59 12.50
N PRO C 63 16.66 5.17 11.57
CA PRO C 63 17.29 5.59 10.30
C PRO C 63 18.05 6.90 10.38
N SER C 64 18.03 7.60 11.51
CA SER C 64 18.88 8.77 11.65
C SER C 64 20.33 8.35 11.76
N LEU C 65 20.61 7.30 12.51
CA LEU C 65 21.85 6.57 12.36
C LEU C 65 21.83 5.87 11.02
N LYS C 66 22.88 6.05 10.22
CA LYS C 66 22.76 5.74 8.80
C LYS C 66 22.78 4.24 8.55
N ASN C 67 23.92 3.59 8.77
CA ASN C 67 23.98 2.15 8.59
C ASN C 67 24.90 1.56 9.63
N ARG C 68 25.20 2.34 10.66
CA ARG C 68 26.32 2.00 11.54
C ARG C 68 25.96 0.90 12.53
N VAL C 69 24.72 0.90 13.03
CA VAL C 69 24.36 0.03 14.13
C VAL C 69 24.06 -1.38 13.63
N THR C 70 24.25 -2.37 14.51
CA THR C 70 23.81 -3.74 14.28
C THR C 70 23.55 -4.40 15.62
N ILE C 71 22.54 -5.25 15.68
CA ILE C 71 22.11 -5.89 16.92
C ILE C 71 22.03 -7.38 16.71
N SER C 72 22.78 -8.13 17.51
CA SER C 72 22.75 -9.58 17.47
C SER C 72 22.38 -10.08 18.86
N LYS C 73 21.62 -11.18 18.90
CA LYS C 73 21.14 -11.76 20.14
C LYS C 73 21.73 -13.17 20.30
N ASP C 74 22.64 -13.32 21.24
CA ASP C 74 23.24 -14.61 21.55
C ASP C 74 22.30 -15.39 22.45
N ALA C 75 21.68 -16.44 21.90
CA ALA C 75 20.62 -17.15 22.60
C ALA C 75 21.11 -18.22 23.57
N SER C 76 22.35 -18.69 23.41
CA SER C 76 22.85 -19.73 24.31
C SER C 76 23.11 -19.16 25.70
N LYS C 77 23.57 -17.91 25.77
CA LYS C 77 23.85 -17.26 27.04
C LYS C 77 22.75 -16.28 27.44
N ASN C 78 21.71 -16.13 26.60
CA ASN C 78 20.56 -15.25 26.82
C ASN C 78 20.99 -13.79 27.03
N GLN C 79 21.58 -13.23 26.00
CA GLN C 79 21.98 -11.83 25.98
C GLN C 79 21.96 -11.32 24.55
N PHE C 80 21.89 -10.00 24.41
CA PHE C 80 21.91 -9.37 23.11
C PHE C 80 22.86 -8.19 23.12
N SER C 81 23.40 -7.87 21.94
CA SER C 81 24.51 -6.92 21.82
C SER C 81 24.07 -5.66 21.10
N LEU C 82 25.01 -4.72 21.01
CA LEU C 82 24.88 -3.51 20.20
C LEU C 82 26.25 -3.12 19.71
N LYS C 83 26.43 -3.02 18.40
CA LYS C 83 27.71 -2.66 17.79
C LYS C 83 27.49 -1.53 16.79
N VAL C 84 27.58 -0.30 17.26
CA VAL C 84 27.66 0.83 16.33
C VAL C 84 29.11 0.99 15.90
N ARG C 85 29.34 0.97 14.58
CA ARG C 85 30.66 1.01 14.00
C ARG C 85 30.95 2.39 13.44
N SER C 86 32.24 2.71 13.37
CA SER C 86 32.76 4.03 13.01
C SER C 86 32.15 5.12 13.89
N VAL C 87 32.40 5.03 15.19
CA VAL C 87 31.80 5.95 16.14
C VAL C 87 32.48 7.31 16.04
N THR C 88 31.82 8.31 16.60
CA THR C 88 32.35 9.65 16.64
C THR C 88 32.22 10.21 18.05
N ALA C 89 32.46 11.50 18.22
CA ALA C 89 32.40 12.10 19.55
C ALA C 89 30.99 12.39 20.01
N THR C 90 29.99 12.29 19.14
CA THR C 90 28.61 12.52 19.53
C THR C 90 27.87 11.23 19.85
N ASP C 91 28.49 10.08 19.61
CA ASP C 91 27.94 8.80 20.08
C ASP C 91 28.68 8.45 21.36
N THR C 92 28.41 9.23 22.42
CA THR C 92 29.02 9.04 23.73
C THR C 92 27.89 9.24 24.73
N ALA C 93 27.25 8.15 25.14
CA ALA C 93 25.93 8.27 25.74
C ALA C 93 25.82 7.27 26.88
N ILE C 94 24.68 7.31 27.56
CA ILE C 94 24.31 6.30 28.55
C ILE C 94 23.33 5.34 27.87
N TYR C 95 23.69 4.07 27.81
CA TYR C 95 22.95 3.05 27.04
C TYR C 95 22.08 2.22 27.98
N TYR C 96 20.81 2.06 27.62
CA TYR C 96 19.86 1.29 28.40
C TYR C 96 19.25 0.20 27.54
N CYS C 97 19.48 -1.06 27.90
CA CYS C 97 18.71 -2.12 27.26
C CYS C 97 17.33 -2.19 27.88
N ALA C 98 16.37 -2.76 27.15
CA ALA C 98 14.98 -2.76 27.60
C ALA C 98 14.23 -3.93 27.00
N ARG C 99 13.02 -4.15 27.50
CA ARG C 99 12.06 -5.09 26.95
C ARG C 99 10.68 -4.46 27.04
N ASP C 100 9.90 -4.60 25.96
CA ASP C 100 8.57 -4.04 25.84
C ASP C 100 7.63 -4.56 26.94
N THR C 101 6.59 -3.76 27.20
CA THR C 101 5.63 -3.96 28.28
C THR C 101 4.89 -5.28 28.14
N TYR C 102 4.12 -5.39 27.08
CA TYR C 102 3.39 -6.58 26.67
C TYR C 102 3.84 -6.92 25.27
N PRO C 103 3.53 -8.13 24.75
CA PRO C 103 3.96 -8.47 23.39
C PRO C 103 3.49 -7.55 22.27
N SER C 104 4.47 -7.12 21.47
CA SER C 104 4.29 -6.18 20.36
C SER C 104 3.65 -4.88 20.80
N ALA C 105 4.14 -4.34 21.91
CA ALA C 105 3.67 -3.06 22.40
C ALA C 105 4.40 -1.94 21.68
N TRP C 106 4.11 -0.70 22.09
CA TRP C 106 4.78 0.46 21.56
C TRP C 106 5.65 1.15 22.58
N SER C 107 5.81 0.57 23.76
CA SER C 107 6.67 1.12 24.79
C SER C 107 7.23 -0.01 25.63
N TRP C 108 7.95 0.37 26.69
CA TRP C 108 8.69 -0.59 27.48
C TRP C 108 8.87 -0.13 28.92
N GLY C 109 8.61 -1.05 29.84
CA GLY C 109 9.22 -1.01 31.16
C GLY C 109 10.44 -1.90 31.11
N TYR C 110 10.83 -2.49 32.23
CA TYR C 110 11.80 -3.60 32.28
C TYR C 110 13.17 -3.24 31.70
N TRP C 111 13.81 -2.26 32.33
CA TRP C 111 15.04 -1.67 31.86
C TRP C 111 16.24 -2.41 32.45
N GLY C 112 17.41 -1.80 32.27
CA GLY C 112 18.60 -2.21 33.00
C GLY C 112 19.18 -1.03 33.74
N GLN C 113 20.27 -1.27 34.46
CA GLN C 113 20.94 -0.22 35.20
C GLN C 113 21.61 0.77 34.27
N GLY C 114 22.36 0.27 33.29
CA GLY C 114 22.96 1.08 32.24
C GLY C 114 24.47 1.12 32.36
N VAL C 115 25.11 1.51 31.26
CA VAL C 115 26.52 1.83 31.24
C VAL C 115 26.68 3.23 30.66
N LEU C 116 27.92 3.73 30.68
CA LEU C 116 28.24 5.06 30.17
C LEU C 116 29.49 4.91 29.32
N VAL C 117 29.29 4.76 28.02
CA VAL C 117 30.41 4.58 27.10
C VAL C 117 30.79 5.94 26.51
N THR C 118 32.00 6.41 26.82
CA THR C 118 32.53 7.63 26.24
C THR C 118 33.64 7.27 25.27
N VAL C 119 33.89 8.17 24.32
CA VAL C 119 34.88 7.95 23.28
C VAL C 119 35.81 9.15 23.24
N SER C 120 37.10 8.89 23.47
CA SER C 120 38.11 9.96 23.49
C SER C 120 38.51 10.35 22.08
N GLN D 1 6.35 20.20 13.21
CA GLN D 1 5.83 18.94 12.75
C GLN D 1 6.88 17.84 12.87
N SER D 2 6.41 16.60 12.94
CA SER D 2 7.20 15.37 13.06
C SER D 2 8.12 15.37 14.27
N VAL D 3 7.74 16.04 15.37
CA VAL D 3 8.52 16.05 16.60
C VAL D 3 7.60 16.40 17.77
N LEU D 4 7.70 15.62 18.83
CA LEU D 4 7.01 15.93 20.07
C LEU D 4 7.69 17.12 20.73
N THR D 5 6.92 17.88 21.50
CA THR D 5 7.45 19.08 22.17
C THR D 5 6.82 19.29 23.53
N GLN D 6 7.61 19.10 24.57
CA GLN D 6 7.27 19.36 25.96
C GLN D 6 7.71 20.78 26.35
N PRO D 7 7.17 21.33 27.44
CA PRO D 7 7.76 22.54 28.01
C PRO D 7 9.11 22.22 28.65
N PRO D 8 9.96 23.23 28.87
CA PRO D 8 11.28 22.96 29.45
C PRO D 8 11.25 22.46 30.89
N SER D 9 10.51 23.11 31.77
CA SER D 9 10.46 22.68 33.17
C SER D 9 9.17 23.12 33.82
N VAL D 10 8.64 22.26 34.68
CA VAL D 10 7.46 22.55 35.47
C VAL D 10 7.81 22.40 36.95
N SER D 11 7.03 23.08 37.79
CA SER D 11 7.34 23.15 39.20
C SER D 11 6.06 23.43 39.97
N GLY D 12 6.14 23.29 41.28
CA GLY D 12 4.99 23.57 42.11
C GLY D 12 5.28 23.29 43.56
N ALA D 13 4.21 23.32 44.36
CA ALA D 13 4.20 23.04 45.78
C ALA D 13 3.38 21.77 46.02
N PRO D 14 3.53 21.12 47.17
CA PRO D 14 2.61 20.03 47.49
C PRO D 14 1.20 20.56 47.70
N GLY D 15 0.32 20.23 46.77
CA GLY D 15 -1.02 20.76 46.75
C GLY D 15 -1.35 21.42 45.42
N VAL D 18 0.73 19.86 39.01
CA VAL D 18 1.67 19.95 37.91
C VAL D 18 1.12 19.24 36.69
N THR D 19 1.00 19.97 35.58
CA THR D 19 0.45 19.42 34.34
C THR D 19 1.54 19.42 33.28
N ILE D 20 1.92 18.23 32.83
CA ILE D 20 2.95 18.05 31.81
C ILE D 20 2.28 17.58 30.54
N SER D 21 2.41 18.37 29.46
CA SER D 21 1.74 18.10 28.20
C SER D 21 2.77 17.82 27.12
N CYS D 22 2.51 16.79 26.32
CA CYS D 22 3.37 16.38 25.21
C CYS D 22 2.55 16.44 23.93
N THR D 23 2.52 17.59 23.28
CA THR D 23 1.76 17.76 22.05
C THR D 23 2.55 17.26 20.84
N GLY D 24 1.85 16.59 19.92
CA GLY D 24 2.49 16.00 18.76
C GLY D 24 1.78 16.41 17.49
N SER D 25 2.39 16.04 16.36
CA SER D 25 1.92 16.50 15.07
C SER D 25 0.96 15.47 14.47
N SER D 26 0.63 15.61 13.18
CA SER D 26 -0.30 14.70 12.54
C SER D 26 0.33 13.34 12.29
N SER D 27 1.65 13.29 12.16
CA SER D 27 2.33 12.03 11.93
C SER D 27 2.70 11.34 13.23
N ASN D 28 2.90 12.12 14.29
CA ASN D 28 3.31 11.55 15.57
C ASN D 28 2.16 10.81 16.23
N ILE D 29 1.11 11.54 16.61
CA ILE D 29 -0.08 10.96 17.22
C ILE D 29 -1.30 11.47 16.47
N GLU D 30 -2.46 11.09 17.00
CA GLU D 30 -3.80 10.91 16.40
C GLU D 30 -3.82 9.60 15.62
N VAL D 31 -2.70 8.87 15.55
CA VAL D 31 -2.68 7.56 14.92
C VAL D 31 -2.14 6.56 15.94
N TYR D 32 -1.28 7.03 16.84
CA TYR D 32 -0.56 6.14 17.73
C TYR D 32 -0.76 6.56 19.18
N ASP D 33 0.03 5.95 20.07
CA ASP D 33 -0.17 6.09 21.50
C ASP D 33 1.02 6.76 22.17
N VAL D 34 0.72 7.58 23.17
CA VAL D 34 1.69 8.34 23.95
C VAL D 34 2.04 7.51 25.18
N HIS D 35 3.33 7.48 25.52
CA HIS D 35 3.77 6.68 26.66
C HIS D 35 4.72 7.51 27.49
N TRP D 36 4.38 7.70 28.76
CA TRP D 36 5.17 8.54 29.65
C TRP D 36 6.19 7.72 30.43
N TYR D 37 7.41 8.25 30.50
CA TYR D 37 8.47 7.67 31.32
C TYR D 37 8.87 8.70 32.37
N GLN D 38 9.28 8.20 33.53
CA GLN D 38 9.84 9.06 34.57
C GLN D 38 11.22 8.55 34.93
N GLN D 39 12.20 9.45 34.94
CA GLN D 39 13.59 9.09 35.19
C GLN D 39 14.07 9.83 36.43
N LEU D 40 14.35 9.08 37.49
CA LEU D 40 14.95 9.65 38.69
C LEU D 40 16.37 10.12 38.38
N PRO D 41 16.85 11.20 39.03
CA PRO D 41 18.15 11.77 38.69
C PRO D 41 19.32 10.83 38.97
N GLY D 42 19.97 10.39 37.91
CA GLY D 42 21.02 9.39 38.05
C GLY D 42 20.46 7.99 38.26
N THR D 43 19.40 7.64 37.53
CA THR D 43 18.81 6.32 37.63
C THR D 43 18.17 5.96 36.30
N ALA D 44 17.79 4.70 36.16
CA ALA D 44 17.11 4.24 34.96
C ALA D 44 15.69 4.76 34.95
N PRO D 45 15.15 5.08 33.77
CA PRO D 45 13.78 5.58 33.69
C PRO D 45 12.77 4.49 34.02
N LYS D 46 11.58 4.92 34.41
CA LYS D 46 10.54 4.00 34.85
C LYS D 46 9.29 4.18 34.01
N LEU D 47 8.68 3.06 33.63
CA LEU D 47 7.42 3.08 32.90
C LEU D 47 6.33 3.66 33.79
N LEU D 48 5.75 4.76 33.34
CA LEU D 48 4.83 5.53 34.17
C LEU D 48 3.40 5.44 33.66
N ILE D 49 3.18 5.77 32.39
CA ILE D 49 1.88 5.67 31.73
C ILE D 49 2.09 5.00 30.39
N TYR D 50 1.34 3.94 30.11
CA TYR D 50 1.37 3.35 28.78
C TYR D 50 -0.05 3.26 28.26
N ASP D 51 -0.16 3.26 26.93
CA ASP D 51 -1.44 3.21 26.18
C ASP D 51 -2.39 4.31 26.60
N ASN D 52 -1.79 5.49 26.81
CA ASN D 52 -2.37 6.80 27.06
C ASN D 52 -3.00 7.00 28.43
N ASN D 53 -3.39 5.93 29.13
CA ASN D 53 -3.86 6.07 30.50
C ASN D 53 -3.63 4.86 31.40
N GLN D 54 -3.06 3.78 30.90
CA GLN D 54 -3.02 2.52 31.64
C GLN D 54 -1.74 2.47 32.45
N ARG D 55 -1.88 2.42 33.79
CA ARG D 55 -0.77 2.45 34.74
C ARG D 55 -0.25 1.04 34.99
N PRO D 56 1.07 0.85 35.08
CA PRO D 56 1.61 -0.49 35.24
C PRO D 56 1.51 -0.97 36.68
N SER D 57 2.08 -2.15 36.91
CA SER D 57 1.99 -2.78 38.22
C SER D 57 2.92 -2.09 39.20
N GLY D 58 2.34 -1.32 40.10
CA GLY D 58 3.11 -0.61 41.10
C GLY D 58 3.28 0.84 40.69
N ILE D 59 2.45 1.72 41.24
CA ILE D 59 2.34 3.07 40.75
C ILE D 59 1.60 3.91 41.79
N SER D 60 1.79 5.23 41.77
CA SER D 60 0.94 6.11 42.54
C SER D 60 -0.38 6.31 41.80
N ASP D 61 -1.28 7.05 42.43
CA ASP D 61 -2.59 7.27 41.85
C ASP D 61 -2.82 8.70 41.39
N ARG D 62 -1.96 9.64 41.79
CA ARG D 62 -2.06 11.02 41.31
C ARG D 62 -1.50 11.18 39.92
N PHE D 63 -0.89 10.14 39.36
CA PHE D 63 -0.35 10.13 38.01
C PHE D 63 -1.41 9.57 37.08
N SER D 64 -1.77 10.33 36.05
CA SER D 64 -2.75 9.86 35.08
C SER D 64 -2.49 10.54 33.76
N GLY D 65 -2.59 9.75 32.68
CA GLY D 65 -2.43 10.27 31.33
C GLY D 65 -3.78 10.50 30.69
N SER D 66 -3.86 11.52 29.84
CA SER D 66 -5.11 11.85 29.15
C SER D 66 -4.74 12.34 27.75
N LYS D 67 -4.82 11.44 26.78
CA LYS D 67 -4.46 11.73 25.39
C LYS D 67 -5.73 11.91 24.58
N SER D 68 -6.00 13.14 24.16
CA SER D 68 -7.19 13.45 23.37
C SER D 68 -6.76 14.19 22.12
N GLY D 69 -6.94 13.57 20.97
CA GLY D 69 -6.56 14.18 19.72
C GLY D 69 -5.06 14.15 19.48
N THR D 70 -4.48 15.29 19.09
CA THR D 70 -3.07 15.38 18.80
C THR D 70 -2.27 15.98 19.95
N SER D 71 -2.76 15.87 21.17
CA SER D 71 -2.07 16.42 22.33
C SER D 71 -2.40 15.61 23.56
N ALA D 72 -1.37 15.21 24.30
CA ALA D 72 -1.54 14.42 25.50
C ALA D 72 -1.19 15.29 26.69
N SER D 73 -1.43 14.76 27.88
CA SER D 73 -1.13 15.49 29.11
C SER D 73 -0.92 14.51 30.24
N LEU D 74 -0.04 14.86 31.17
CA LEU D 74 0.20 14.08 32.38
C LEU D 74 -0.10 14.97 33.58
N ALA D 75 -1.17 14.65 34.30
CA ALA D 75 -1.59 15.44 35.45
C ALA D 75 -0.92 14.91 36.71
N ILE D 76 -0.33 15.83 37.48
CA ILE D 76 0.20 15.55 38.80
C ILE D 76 -0.39 16.60 39.72
N THR D 77 -1.51 16.27 40.36
CA THR D 77 -2.19 17.19 41.26
C THR D 77 -1.76 16.89 42.69
N GLY D 78 -1.17 17.88 43.34
CA GLY D 78 -0.71 17.71 44.71
C GLY D 78 0.51 16.83 44.79
N LEU D 79 1.64 17.32 44.28
CA LEU D 79 2.84 16.49 44.17
C LEU D 79 3.46 16.24 45.55
N GLN D 80 4.19 15.15 45.63
CA GLN D 80 5.01 14.86 46.80
C GLN D 80 6.43 15.34 46.54
N THR D 81 7.26 15.32 47.57
CA THR D 81 8.63 15.77 47.44
C THR D 81 9.57 14.67 46.98
N GLU D 82 9.04 13.51 46.60
CA GLU D 82 9.85 12.44 46.06
C GLU D 82 9.59 12.21 44.58
N ASP D 83 8.86 13.11 43.94
CA ASP D 83 8.62 13.06 42.50
C ASP D 83 9.54 13.99 41.72
N GLU D 84 10.56 14.55 42.35
CA GLU D 84 11.51 15.43 41.68
C GLU D 84 12.40 14.59 40.76
N ALA D 85 12.06 14.57 39.48
CA ALA D 85 12.70 13.67 38.52
C ALA D 85 12.44 14.24 37.13
N ASP D 86 12.81 13.47 36.10
CA ASP D 86 12.56 13.85 34.73
C ASP D 86 11.30 13.18 34.20
N TYR D 87 10.70 13.77 33.17
CA TYR D 87 9.45 13.29 32.61
C TYR D 87 9.50 13.41 31.09
N TYR D 88 9.56 12.26 30.40
CA TYR D 88 9.64 12.22 28.96
C TYR D 88 8.38 11.59 28.39
N CYS D 89 8.14 11.82 27.10
CA CYS D 89 6.99 11.28 26.41
C CYS D 89 7.44 10.56 25.15
N GLN D 90 6.84 9.41 24.88
CA GLN D 90 7.24 8.56 23.76
C GLN D 90 6.06 8.27 22.86
N SER D 91 6.10 8.81 21.65
CA SER D 91 5.18 8.40 20.60
C SER D 91 5.98 7.72 19.50
N TYR D 92 5.31 7.40 18.39
CA TYR D 92 5.94 6.80 17.23
C TYR D 92 5.62 7.61 16.00
N ASP D 93 6.63 7.92 15.21
CA ASP D 93 6.49 8.80 14.06
C ASP D 93 6.43 7.95 12.80
N THR D 94 5.77 8.48 11.78
CA THR D 94 5.66 7.80 10.50
C THR D 94 6.50 8.46 9.42
N SER D 95 6.75 9.76 9.55
CA SER D 95 7.59 10.51 8.61
C SER D 95 9.01 9.99 8.64
N LEU D 96 9.68 10.14 9.77
CA LEU D 96 11.04 9.63 9.91
C LEU D 96 11.08 8.17 10.30
N ASN D 97 9.94 7.63 10.73
CA ASN D 97 9.72 6.19 10.98
C ASN D 97 10.68 5.64 12.04
N ALA D 98 10.53 6.16 13.25
CA ALA D 98 11.26 5.71 14.43
C ALA D 98 10.48 6.15 15.66
N TYR D 99 10.84 5.57 16.81
CA TYR D 99 10.25 5.98 18.07
C TYR D 99 10.74 7.37 18.43
N ILE D 100 9.81 8.27 18.71
CA ILE D 100 10.15 9.64 19.07
C ILE D 100 9.97 9.82 20.56
N PHE D 101 11.07 10.13 21.24
CA PHE D 101 11.03 10.62 22.61
C PHE D 101 10.85 12.12 22.62
N GLY D 102 10.35 12.63 23.72
CA GLY D 102 10.16 14.06 23.83
C GLY D 102 11.46 14.79 24.07
N ALA D 103 11.38 16.12 24.13
CA ALA D 103 12.57 16.91 24.42
C ALA D 103 12.99 16.73 25.87
N GLY D 104 12.10 17.06 26.80
CA GLY D 104 12.38 16.83 28.20
C GLY D 104 11.79 17.85 29.15
N THR D 105 11.39 17.39 30.33
CA THR D 105 11.00 18.31 31.39
C THR D 105 11.34 17.68 32.74
N ARG D 106 11.39 18.51 33.76
CA ARG D 106 11.73 18.09 35.12
C ARG D 106 10.81 18.77 36.10
N LEU D 107 10.57 18.11 37.24
CA LEU D 107 9.70 18.61 38.28
C LEU D 107 10.54 19.06 39.47
N THR D 108 10.20 20.22 40.03
CA THR D 108 10.94 20.77 41.17
C THR D 108 9.95 21.28 42.21
N VAL D 109 10.07 20.77 43.43
CA VAL D 109 9.19 21.19 44.51
C VAL D 109 9.65 22.52 45.08
N ASN E 1 -15.48 -0.03 34.37
CA ASN E 1 -15.72 -1.46 34.34
C ASN E 1 -15.92 -1.94 32.90
N LEU E 2 -15.86 -1.01 31.96
CA LEU E 2 -16.04 -1.31 30.56
C LEU E 2 -14.72 -1.19 29.81
N CYS E 3 -14.77 -1.48 28.52
CA CYS E 3 -13.60 -1.44 27.66
C CYS E 3 -13.56 -0.17 26.83
N PRO E 4 -12.39 0.21 26.31
CA PRO E 4 -12.34 1.35 25.38
C PRO E 4 -12.58 0.96 23.93
N PHE E 5 -13.73 0.34 23.64
CA PHE E 5 -14.08 0.01 22.27
C PHE E 5 -14.57 1.21 21.48
N GLY E 6 -14.88 2.32 22.14
CA GLY E 6 -15.16 3.55 21.42
C GLY E 6 -13.93 4.26 20.91
N GLU E 7 -12.74 3.79 21.27
CA GLU E 7 -11.49 4.31 20.76
C GLU E 7 -10.79 3.37 19.79
N VAL E 8 -11.16 2.09 19.80
CA VAL E 8 -10.58 1.16 18.84
C VAL E 8 -11.46 1.07 17.59
N PHE E 9 -12.75 0.81 17.77
CA PHE E 9 -13.69 0.68 16.65
C PHE E 9 -14.10 2.02 16.06
N ASN E 10 -13.82 3.12 16.73
CA ASN E 10 -14.24 4.41 16.24
C ASN E 10 -13.13 5.44 16.31
N ALA E 11 -11.91 5.05 15.96
CA ALA E 11 -10.86 6.05 15.87
C ALA E 11 -11.05 6.88 14.60
N THR E 12 -10.53 8.10 14.64
CA THR E 12 -10.64 8.98 13.49
C THR E 12 -9.72 8.55 12.36
N ARG E 13 -8.64 7.84 12.67
CA ARG E 13 -7.62 7.54 11.67
C ARG E 13 -6.81 6.31 12.06
N PHE E 14 -6.84 5.26 11.25
CA PHE E 14 -6.07 4.08 11.58
C PHE E 14 -4.65 4.18 11.07
N ALA E 15 -3.86 3.17 11.42
CA ALA E 15 -2.47 3.09 11.04
C ALA E 15 -2.32 2.21 9.80
N SER E 16 -1.10 2.14 9.29
CA SER E 16 -0.81 1.33 8.13
C SER E 16 -0.74 -0.14 8.53
N VAL E 17 -0.68 -1.01 7.53
CA VAL E 17 -0.68 -2.42 7.83
C VAL E 17 0.70 -2.89 8.28
N TYR E 18 1.77 -2.23 7.81
CA TYR E 18 3.11 -2.69 8.20
C TYR E 18 3.44 -2.29 9.63
N ALA E 19 2.88 -1.18 10.11
CA ALA E 19 3.07 -0.69 11.47
C ALA E 19 1.67 -0.59 12.08
N TRP E 20 1.21 -1.71 12.63
CA TRP E 20 -0.16 -1.84 13.14
C TRP E 20 -0.22 -1.61 14.64
N ASN E 21 -1.26 -0.89 15.07
CA ASN E 21 -1.49 -0.65 16.49
C ASN E 21 -1.79 -1.93 17.24
N ARG E 22 -1.67 -1.88 18.55
CA ARG E 22 -1.99 -3.00 19.42
C ARG E 22 -2.19 -2.44 20.82
N LYS E 23 -3.42 -2.48 21.30
CA LYS E 23 -3.78 -1.88 22.58
C LYS E 23 -4.25 -3.00 23.50
N ARG E 24 -3.51 -3.21 24.59
CA ARG E 24 -3.86 -4.25 25.54
C ARG E 24 -5.09 -3.81 26.33
N ILE E 25 -6.11 -4.65 26.32
CA ILE E 25 -7.40 -4.35 26.93
C ILE E 25 -7.54 -5.21 28.18
N SER E 26 -7.58 -4.56 29.33
CA SER E 26 -7.69 -5.26 30.60
C SER E 26 -8.51 -4.40 31.55
N ASN E 27 -8.86 -5.00 32.71
CA ASN E 27 -9.76 -4.43 33.71
C ASN E 27 -11.10 -4.04 33.08
N CYS E 28 -11.79 -5.05 32.56
CA CYS E 28 -13.03 -4.86 31.82
C CYS E 28 -14.11 -5.80 32.28
N VAL E 29 -15.34 -5.41 31.97
CA VAL E 29 -16.46 -6.33 31.78
C VAL E 29 -17.00 -5.98 30.41
N ALA E 30 -16.82 -6.88 29.45
CA ALA E 30 -16.97 -6.55 28.03
C ALA E 30 -18.18 -7.24 27.44
N ASP E 31 -18.94 -6.49 26.63
CA ASP E 31 -20.11 -7.02 25.91
C ASP E 31 -19.76 -7.14 24.44
N TYR E 32 -19.48 -8.38 24.01
CA TYR E 32 -19.00 -8.60 22.65
C TYR E 32 -20.14 -8.72 21.66
N SER E 33 -21.37 -8.88 22.15
CA SER E 33 -22.52 -8.83 21.27
C SER E 33 -23.09 -7.43 21.13
N VAL E 34 -22.33 -6.39 21.46
CA VAL E 34 -22.70 -5.04 21.06
C VAL E 34 -22.37 -4.81 19.59
N LEU E 35 -21.15 -5.14 19.20
CA LEU E 35 -20.77 -4.99 17.79
C LEU E 35 -21.40 -6.09 16.94
N TYR E 36 -21.62 -7.28 17.51
CA TYR E 36 -22.17 -8.39 16.75
C TYR E 36 -23.64 -8.19 16.45
N ASN E 37 -24.34 -7.45 17.30
CA ASN E 37 -25.74 -7.14 17.04
C ASN E 37 -25.87 -5.92 16.14
N SER E 38 -24.78 -5.16 15.97
CA SER E 38 -24.81 -4.01 15.08
C SER E 38 -24.83 -4.45 13.62
N ALA E 39 -23.91 -5.35 13.24
CA ALA E 39 -23.83 -5.99 11.92
C ALA E 39 -23.63 -4.99 10.79
N SER E 40 -22.91 -3.90 11.08
CA SER E 40 -22.46 -2.98 10.05
C SER E 40 -21.08 -3.34 9.53
N PHE E 41 -20.62 -4.57 9.78
CA PHE E 41 -19.28 -4.99 9.42
C PHE E 41 -19.39 -6.03 8.32
N SER E 42 -18.59 -5.86 7.27
CA SER E 42 -18.64 -6.79 6.16
C SER E 42 -18.04 -8.15 6.54
N THR E 43 -17.12 -8.15 7.48
CA THR E 43 -16.51 -9.37 7.97
C THR E 43 -16.56 -9.38 9.49
N PHE E 44 -17.09 -10.47 10.04
CA PHE E 44 -17.13 -10.69 11.48
C PHE E 44 -17.16 -12.19 11.71
N LYS E 45 -15.99 -12.77 11.98
CA LYS E 45 -15.93 -14.22 12.06
C LYS E 45 -14.96 -14.68 13.13
N CYS E 46 -15.47 -15.35 14.17
CA CYS E 46 -14.66 -15.64 15.34
C CYS E 46 -14.16 -17.08 15.27
N TYR E 47 -12.85 -17.22 15.14
CA TYR E 47 -12.18 -18.50 14.96
C TYR E 47 -11.78 -19.07 16.32
N GLY E 48 -12.07 -20.35 16.51
CA GLY E 48 -11.76 -21.00 17.77
C GLY E 48 -12.83 -20.82 18.82
N VAL E 49 -13.04 -19.58 19.27
CA VAL E 49 -14.10 -19.30 20.21
C VAL E 49 -15.44 -19.36 19.49
N SER E 50 -16.51 -19.65 20.23
CA SER E 50 -17.84 -19.72 19.67
C SER E 50 -18.41 -18.31 19.50
N PRO E 51 -18.74 -17.88 18.29
CA PRO E 51 -19.22 -16.51 18.09
C PRO E 51 -20.64 -16.34 18.61
N THR E 52 -20.85 -15.20 19.28
CA THR E 52 -22.09 -14.68 19.88
C THR E 52 -22.50 -15.49 21.13
N LYS E 53 -21.85 -16.62 21.40
CA LYS E 53 -21.92 -17.27 22.71
C LYS E 53 -20.65 -17.00 23.51
N LEU E 54 -19.79 -16.10 23.03
CA LEU E 54 -18.56 -15.72 23.71
C LEU E 54 -18.74 -14.52 24.63
N ASN E 55 -19.99 -14.14 24.92
CA ASN E 55 -20.25 -13.09 25.88
C ASN E 55 -20.26 -13.63 27.31
N ASP E 56 -20.02 -14.92 27.49
CA ASP E 56 -19.97 -15.53 28.81
C ASP E 56 -18.61 -16.13 29.14
N LEU E 57 -18.11 -17.05 28.31
CA LEU E 57 -16.85 -17.74 28.61
C LEU E 57 -15.68 -16.80 28.41
N THR E 60 -8.01 -14.18 30.12
CA THR E 60 -7.13 -13.29 30.87
C THR E 60 -7.14 -11.88 30.29
N ASN E 61 -6.78 -11.73 29.02
CA ASN E 61 -6.72 -10.42 28.38
C ASN E 61 -6.91 -10.54 26.87
N VAL E 62 -7.25 -9.41 26.26
CA VAL E 62 -7.48 -9.31 24.82
C VAL E 62 -6.72 -8.09 24.31
N TYR E 63 -6.15 -8.21 23.11
CA TYR E 63 -5.51 -7.11 22.42
C TYR E 63 -6.42 -6.63 21.28
N ALA E 64 -6.05 -5.53 20.66
CA ALA E 64 -6.89 -4.93 19.62
C ALA E 64 -6.00 -4.31 18.55
N ASP E 65 -5.80 -5.01 17.45
CA ASP E 65 -4.99 -4.47 16.37
C ASP E 65 -5.80 -3.50 15.52
N SER E 66 -5.09 -2.65 14.80
CA SER E 66 -5.76 -1.62 14.01
C SER E 66 -4.89 -1.26 12.82
N PHE E 67 -5.37 -1.58 11.62
CA PHE E 67 -4.65 -1.36 10.38
C PHE E 67 -5.64 -1.43 9.24
N VAL E 68 -5.51 -0.54 8.27
CA VAL E 68 -6.46 -0.43 7.17
C VAL E 68 -5.75 -0.87 5.89
N ILE E 69 -6.35 -1.85 5.23
CA ILE E 69 -5.81 -2.47 4.03
C ILE E 69 -6.79 -2.25 2.88
N ARG E 70 -6.42 -2.71 1.68
CA ARG E 70 -7.37 -2.66 0.59
C ARG E 70 -8.36 -3.81 0.71
N GLY E 71 -9.46 -3.71 -0.04
CA GLY E 71 -10.63 -4.52 0.26
C GLY E 71 -10.46 -5.99 -0.06
N ASP E 72 -9.72 -6.31 -1.11
CA ASP E 72 -9.55 -7.71 -1.45
C ASP E 72 -8.39 -8.33 -0.71
N GLU E 73 -7.79 -7.62 0.24
CA GLU E 73 -6.68 -8.13 1.03
C GLU E 73 -7.13 -8.67 2.39
N VAL E 74 -8.44 -8.82 2.60
CA VAL E 74 -8.98 -9.22 3.89
C VAL E 74 -9.04 -10.73 3.89
N ARG E 75 -8.80 -11.33 2.74
CA ARG E 75 -8.61 -12.77 2.63
C ARG E 75 -7.40 -13.26 3.41
N GLN E 76 -6.36 -12.43 3.54
CA GLN E 76 -5.16 -12.81 4.30
C GLN E 76 -5.33 -12.74 5.80
N ILE E 77 -6.32 -12.01 6.31
CA ILE E 77 -6.43 -11.80 7.77
C ILE E 77 -7.24 -12.98 8.29
N ALA E 78 -6.54 -14.09 8.49
CA ALA E 78 -7.08 -15.40 8.79
C ALA E 78 -5.91 -16.31 9.13
N PRO E 79 -6.10 -17.36 9.93
CA PRO E 79 -4.99 -18.29 10.19
C PRO E 79 -4.68 -19.14 8.97
N GLY E 80 -3.43 -19.10 8.54
CA GLY E 80 -2.98 -19.94 7.45
C GLY E 80 -3.18 -19.36 6.07
N GLN E 81 -2.74 -18.12 5.86
CA GLN E 81 -2.85 -17.46 4.57
C GLN E 81 -1.47 -17.05 4.07
N THR E 82 -1.38 -16.81 2.77
CA THR E 82 -0.19 -16.27 2.15
C THR E 82 -0.59 -15.02 1.38
N GLY E 83 0.40 -14.24 0.97
CA GLY E 83 0.14 -13.02 0.21
C GLY E 83 1.04 -11.89 0.66
N LYS E 84 0.65 -10.69 0.26
CA LYS E 84 1.42 -9.50 0.61
C LYS E 84 1.04 -8.93 1.95
N ILE E 85 0.12 -9.56 2.69
CA ILE E 85 -0.26 -9.13 4.01
C ILE E 85 0.04 -10.19 5.06
N ALA E 86 -0.28 -11.44 4.78
CA ALA E 86 -0.09 -12.52 5.74
C ALA E 86 1.30 -13.12 5.69
N ASP E 87 2.20 -12.59 4.87
CA ASP E 87 3.59 -13.02 4.90
C ASP E 87 4.55 -11.92 5.24
N TYR E 88 4.24 -10.69 4.84
CA TYR E 88 5.17 -9.58 4.97
C TYR E 88 4.64 -8.44 5.82
N ASN E 89 3.37 -8.44 6.21
CA ASN E 89 2.83 -7.35 6.99
C ASN E 89 2.22 -7.79 8.32
N TYR E 90 1.34 -8.79 8.31
CA TYR E 90 0.65 -9.19 9.55
C TYR E 90 0.19 -10.64 9.40
N LYS E 91 0.93 -11.56 10.02
CA LYS E 91 0.61 -12.97 9.94
C LYS E 91 -0.05 -13.43 11.23
N LEU E 92 -1.27 -13.93 11.12
CA LEU E 92 -1.98 -14.53 12.26
C LEU E 92 -1.44 -15.93 12.53
N PRO E 93 -1.37 -16.35 13.79
CA PRO E 93 -0.80 -17.67 14.10
C PRO E 93 -1.73 -18.79 13.71
N ASP E 94 -1.25 -20.01 13.89
CA ASP E 94 -2.02 -21.18 13.51
C ASP E 94 -3.08 -21.53 14.56
N ASP E 95 -2.99 -20.99 15.75
CA ASP E 95 -3.90 -21.34 16.85
C ASP E 95 -4.58 -20.09 17.37
N PHE E 96 -5.11 -19.30 16.46
CA PHE E 96 -5.69 -18.02 16.81
C PHE E 96 -7.02 -18.21 17.52
N THR E 97 -7.35 -17.28 18.42
CA THR E 97 -8.58 -17.35 19.19
C THR E 97 -9.16 -15.93 19.27
N GLY E 98 -10.04 -15.60 18.34
CA GLY E 98 -10.60 -14.27 18.28
C GLY E 98 -11.26 -13.97 16.96
N CYS E 99 -11.44 -12.70 16.64
CA CYS E 99 -12.07 -12.37 15.37
C CYS E 99 -11.55 -11.10 14.73
N VAL E 100 -11.69 -11.09 13.40
CA VAL E 100 -11.33 -9.98 12.53
C VAL E 100 -12.60 -9.25 12.14
N ILE E 101 -12.60 -7.95 12.31
CA ILE E 101 -13.75 -7.11 12.03
C ILE E 101 -13.34 -6.09 10.99
N ALA E 102 -13.98 -6.14 9.81
CA ALA E 102 -13.60 -5.24 8.73
C ALA E 102 -14.86 -4.64 8.14
N TRP E 103 -14.82 -3.34 7.87
CA TRP E 103 -15.96 -2.65 7.30
C TRP E 103 -15.47 -1.67 6.25
N ASN E 104 -16.24 -1.51 5.17
CA ASN E 104 -15.84 -0.70 4.03
C ASN E 104 -15.87 0.77 4.41
N SER E 105 -14.70 1.30 4.77
CA SER E 105 -14.55 2.69 5.17
C SER E 105 -14.01 3.45 3.96
N ASN E 106 -14.87 3.63 2.96
CA ASN E 106 -14.46 4.35 1.76
C ASN E 106 -14.75 5.83 1.86
N ASN E 107 -15.80 6.21 2.59
CA ASN E 107 -16.13 7.63 2.72
C ASN E 107 -15.14 8.35 3.63
N LEU E 108 -14.37 7.60 4.41
CA LEU E 108 -13.47 8.21 5.39
C LEU E 108 -12.05 8.30 4.86
N ASP E 109 -11.48 7.17 4.46
CA ASP E 109 -10.03 7.04 4.33
C ASP E 109 -9.48 7.33 2.94
N SER E 110 -10.30 7.82 2.01
CA SER E 110 -9.81 8.15 0.69
C SER E 110 -10.22 9.56 0.29
N LYS E 111 -9.39 10.20 -0.52
CA LYS E 111 -9.59 11.58 -0.92
C LYS E 111 -9.45 11.69 -2.43
N VAL E 112 -9.91 12.83 -2.96
CA VAL E 112 -9.83 13.09 -4.40
C VAL E 112 -8.37 13.26 -4.79
N GLY E 113 -8.01 12.72 -5.95
CA GLY E 113 -6.62 12.43 -6.22
C GLY E 113 -6.23 11.18 -5.44
N GLY E 114 -4.99 11.13 -4.98
CA GLY E 114 -4.53 10.04 -4.16
C GLY E 114 -4.62 10.33 -2.67
N ASN E 115 -4.58 9.26 -1.89
CA ASN E 115 -4.41 9.35 -0.44
C ASN E 115 -3.21 8.47 -0.10
N TYR E 116 -2.02 9.04 -0.21
CA TYR E 116 -0.80 8.26 -0.14
C TYR E 116 -0.27 8.12 1.28
N ASN E 117 -1.13 8.19 2.28
CA ASN E 117 -0.68 8.02 3.65
C ASN E 117 -0.52 6.56 4.06
N TYR E 118 -1.37 5.67 3.58
CA TYR E 118 -1.34 4.29 4.03
C TYR E 118 -0.43 3.49 3.12
N LEU E 119 0.50 2.78 3.73
CA LEU E 119 1.58 2.12 3.01
C LEU E 119 1.43 0.62 3.23
N TYR E 120 2.32 -0.12 2.59
CA TYR E 120 2.48 -1.53 2.87
C TYR E 120 3.90 -1.90 2.48
N ARG E 121 4.31 -3.11 2.83
CA ARG E 121 5.69 -3.57 2.61
C ARG E 121 5.67 -4.61 1.51
N LEU E 122 6.10 -4.20 0.31
CA LEU E 122 6.05 -5.08 -0.84
C LEU E 122 7.09 -6.18 -0.74
N PHE E 123 8.31 -5.83 -0.34
CA PHE E 123 9.41 -6.76 -0.35
C PHE E 123 10.02 -6.86 1.04
N ARG E 124 10.43 -8.08 1.40
CA ARG E 124 11.04 -8.33 2.69
C ARG E 124 11.81 -9.63 2.55
N LYS E 125 12.92 -9.75 3.30
CA LYS E 125 13.84 -10.86 3.07
C LYS E 125 13.28 -12.19 3.52
N SER E 126 12.35 -12.19 4.47
CA SER E 126 11.78 -13.44 4.96
C SER E 126 10.36 -13.17 5.45
N ASN E 127 9.64 -14.25 5.73
CA ASN E 127 8.28 -14.17 6.21
C ASN E 127 8.27 -13.89 7.71
N LEU E 128 7.17 -13.30 8.17
CA LEU E 128 7.06 -12.95 9.57
C LEU E 128 6.78 -14.17 10.43
N LYS E 129 7.43 -14.22 11.59
CA LYS E 129 6.91 -15.01 12.68
C LYS E 129 5.59 -14.39 13.11
N PRO E 130 4.63 -15.21 13.59
CA PRO E 130 3.30 -14.69 13.95
C PRO E 130 3.32 -13.65 15.06
N PHE E 131 2.58 -12.56 14.85
CA PHE E 131 2.58 -11.39 15.73
C PHE E 131 3.98 -10.79 15.87
N GLU E 132 4.51 -10.27 14.75
CA GLU E 132 5.77 -9.55 14.73
C GLU E 132 5.70 -8.38 13.77
N ARG E 133 6.11 -7.21 14.22
CA ARG E 133 6.17 -6.05 13.34
C ARG E 133 7.55 -5.94 12.70
N ASP E 134 7.60 -5.08 11.68
CA ASP E 134 8.86 -4.70 11.03
C ASP E 134 8.67 -3.27 10.52
N ILE E 135 9.34 -2.32 11.15
CA ILE E 135 9.19 -0.91 10.82
C ILE E 135 10.42 -0.35 10.13
N SER E 136 11.36 -1.19 9.71
CA SER E 136 12.58 -0.71 9.10
C SER E 136 12.34 -0.24 7.67
N THR E 137 13.12 0.75 7.24
CA THR E 137 13.07 1.23 5.87
C THR E 137 14.43 1.17 5.18
N GLU E 138 15.25 0.18 5.49
CA GLU E 138 16.48 0.00 4.76
C GLU E 138 16.18 -0.50 3.35
N ILE E 139 17.06 -0.19 2.42
CA ILE E 139 16.84 -0.55 1.03
C ILE E 139 17.06 -2.05 0.85
N TYR E 140 16.15 -2.67 0.12
CA TYR E 140 16.15 -4.11 -0.09
C TYR E 140 16.90 -4.44 -1.37
N GLN E 141 18.06 -5.08 -1.24
CA GLN E 141 18.74 -5.64 -2.40
C GLN E 141 18.06 -6.94 -2.78
N ALA E 142 18.05 -7.25 -4.07
CA ALA E 142 17.39 -8.47 -4.51
C ALA E 142 18.31 -9.69 -4.40
N GLY E 143 19.36 -9.74 -5.21
CA GLY E 143 20.26 -10.88 -5.09
C GLY E 143 21.74 -10.67 -4.84
N SER E 144 22.35 -9.68 -5.47
CA SER E 144 23.81 -9.61 -5.42
C SER E 144 24.39 -8.30 -4.88
N THR E 145 24.02 -7.19 -5.47
CA THR E 145 24.81 -5.97 -5.33
C THR E 145 24.47 -5.25 -4.05
N PRO E 146 25.46 -4.99 -3.17
CA PRO E 146 25.19 -4.25 -1.92
C PRO E 146 24.99 -2.78 -2.24
N CYS E 147 23.98 -2.18 -1.63
CA CYS E 147 23.69 -0.77 -1.84
C CYS E 147 23.60 -0.04 -0.51
N ASN E 148 24.56 0.84 -0.27
CA ASN E 148 24.73 1.53 1.00
C ASN E 148 23.71 2.65 1.16
N GLY E 149 22.46 2.32 1.42
CA GLY E 149 21.43 3.31 1.59
C GLY E 149 20.94 3.92 0.29
N VAL E 150 21.44 3.48 -0.84
CA VAL E 150 21.05 3.99 -2.14
C VAL E 150 20.13 2.99 -2.80
N GLU E 151 19.43 3.45 -3.83
CA GLU E 151 18.46 2.63 -4.55
C GLU E 151 18.63 2.87 -6.04
N GLY E 152 18.39 1.84 -6.82
CA GLY E 152 18.47 1.94 -8.27
C GLY E 152 17.92 0.68 -8.87
N PHE E 153 18.60 0.19 -9.89
CA PHE E 153 18.41 -1.21 -10.26
C PHE E 153 18.87 -2.07 -9.11
N ASN E 154 18.19 -3.22 -8.92
CA ASN E 154 18.56 -4.29 -8.00
C ASN E 154 18.44 -3.87 -6.53
N CYS E 155 17.92 -2.67 -6.25
CA CYS E 155 17.76 -2.14 -4.90
C CYS E 155 16.56 -1.23 -4.86
N TYR E 156 15.55 -1.60 -4.08
CA TYR E 156 14.25 -0.92 -4.08
C TYR E 156 13.94 -0.36 -2.69
N PHE E 157 13.21 0.73 -2.68
CA PHE E 157 12.61 1.22 -1.44
C PHE E 157 11.58 0.19 -0.96
N PRO E 158 11.60 -0.20 0.31
CA PRO E 158 10.78 -1.34 0.73
C PRO E 158 9.29 -1.05 0.81
N LEU E 159 8.91 0.17 1.18
CA LEU E 159 7.52 0.53 1.31
C LEU E 159 6.97 1.00 -0.03
N GLN E 160 5.64 0.93 -0.16
CA GLN E 160 4.96 1.37 -1.36
C GLN E 160 3.55 1.76 -0.99
N SER E 161 3.03 2.85 -1.53
CA SER E 161 1.75 3.34 -1.04
C SER E 161 0.60 2.54 -1.64
N TYR E 162 -0.57 2.73 -1.03
CA TYR E 162 -1.83 2.23 -1.58
C TYR E 162 -2.40 3.17 -2.62
N GLY E 163 -2.44 4.46 -2.34
CA GLY E 163 -2.95 5.42 -3.29
C GLY E 163 -4.43 5.28 -3.47
N PHE E 164 -5.18 5.52 -2.40
CA PHE E 164 -6.61 5.31 -2.43
C PHE E 164 -7.30 6.48 -3.11
N GLN E 165 -7.83 6.23 -4.31
CA GLN E 165 -8.74 7.02 -5.11
C GLN E 165 -10.16 6.81 -4.58
N PRO E 166 -11.04 7.81 -4.62
CA PRO E 166 -12.38 7.62 -4.06
C PRO E 166 -13.26 6.74 -4.92
N THR E 167 -12.84 6.46 -6.15
CA THR E 167 -13.65 5.76 -7.12
C THR E 167 -12.87 4.61 -7.75
N ASN E 168 -12.11 3.88 -6.94
CA ASN E 168 -11.52 2.64 -7.37
C ASN E 168 -12.60 1.55 -7.41
N GLY E 169 -12.19 0.33 -7.75
CA GLY E 169 -13.12 -0.78 -7.71
C GLY E 169 -13.39 -1.22 -6.28
N VAL E 170 -14.34 -2.11 -6.07
CA VAL E 170 -14.69 -2.55 -4.73
C VAL E 170 -13.62 -3.45 -4.13
N GLY E 171 -12.76 -4.05 -4.94
CA GLY E 171 -11.68 -4.83 -4.37
C GLY E 171 -10.51 -4.01 -3.88
N TYR E 172 -10.40 -2.75 -4.32
CA TYR E 172 -9.29 -1.88 -3.94
C TYR E 172 -9.87 -0.68 -3.22
N GLN E 173 -10.20 -0.85 -1.94
CA GLN E 173 -10.81 0.21 -1.16
C GLN E 173 -10.45 0.00 0.29
N PRO E 174 -10.31 1.07 1.08
CA PRO E 174 -9.85 0.95 2.46
C PRO E 174 -10.86 0.27 3.38
N TYR E 175 -10.52 -0.93 3.83
CA TYR E 175 -11.29 -1.65 4.86
C TYR E 175 -10.51 -1.52 6.17
N ARG E 176 -11.14 -0.92 7.18
CA ARG E 176 -10.49 -0.79 8.47
C ARG E 176 -10.62 -2.07 9.26
N VAL E 177 -9.51 -2.79 9.43
CA VAL E 177 -9.51 -4.11 10.02
C VAL E 177 -9.08 -4.01 11.48
N VAL E 178 -9.90 -4.57 12.38
CA VAL E 178 -9.59 -4.65 13.80
C VAL E 178 -9.58 -6.11 14.19
N VAL E 179 -8.45 -6.59 14.69
CA VAL E 179 -8.27 -8.01 14.99
C VAL E 179 -8.15 -8.14 16.49
N LEU E 180 -9.16 -8.76 17.11
CA LEU E 180 -9.18 -9.01 18.56
C LEU E 180 -8.60 -10.40 18.80
N SER E 181 -7.62 -10.49 19.67
CA SER E 181 -6.99 -11.76 20.01
C SER E 181 -7.30 -12.08 21.47
N PHE E 182 -8.17 -13.05 21.70
CA PHE E 182 -8.53 -13.45 23.06
C PHE E 182 -7.47 -14.42 23.55
N GLU E 183 -6.85 -14.11 24.68
CA GLU E 183 -5.75 -14.91 25.22
C GLU E 183 -5.95 -15.12 26.70
N LEU E 184 -6.28 -16.34 27.08
CA LEU E 184 -6.38 -16.75 28.47
C LEU E 184 -5.07 -17.38 28.92
N LEU E 185 -4.64 -17.02 30.12
CA LEU E 185 -3.38 -17.50 30.67
C LEU E 185 -3.60 -17.97 32.10
N HIS E 186 -2.56 -18.57 32.69
CA HIS E 186 -2.60 -19.04 34.07
C HIS E 186 -2.46 -17.84 34.99
N ALA E 187 -3.55 -17.11 35.17
CA ALA E 187 -3.55 -15.81 35.81
C ALA E 187 -4.99 -15.46 36.17
N PRO E 188 -5.20 -14.61 37.18
CA PRO E 188 -6.56 -14.12 37.44
C PRO E 188 -7.02 -13.17 36.35
N ALA E 189 -8.24 -13.40 35.87
CA ALA E 189 -8.79 -12.64 34.77
C ALA E 189 -9.21 -11.25 35.20
N THR E 190 -9.02 -10.27 34.31
CA THR E 190 -9.52 -8.93 34.53
C THR E 190 -10.57 -8.51 33.50
N VAL E 191 -10.81 -9.30 32.48
CA VAL E 191 -11.82 -9.01 31.47
C VAL E 191 -12.65 -10.26 31.23
N CYS E 192 -13.94 -10.17 31.52
CA CYS E 192 -14.89 -11.23 31.25
C CYS E 192 -16.21 -10.63 30.81
N GLY E 193 -17.13 -11.49 30.42
CA GLY E 193 -18.45 -11.04 30.03
C GLY E 193 -19.37 -10.92 31.22
N PRO E 194 -20.38 -10.05 31.13
CA PRO E 194 -21.33 -9.85 32.24
C PRO E 194 -22.30 -11.01 32.42
N VAL F 2 13.38 13.63 -12.35
CA VAL F 2 13.87 14.75 -13.12
C VAL F 2 14.82 14.21 -14.19
N GLN F 3 14.74 14.77 -15.40
CA GLN F 3 15.37 14.20 -16.57
C GLN F 3 16.89 14.28 -16.50
N LEU F 4 17.54 13.41 -17.27
CA LEU F 4 18.99 13.35 -17.33
C LEU F 4 19.41 13.70 -18.75
N GLN F 5 20.30 14.68 -18.89
CA GLN F 5 20.81 15.07 -20.20
C GLN F 5 22.27 14.67 -20.31
N GLU F 6 22.64 14.21 -21.50
CA GLU F 6 24.00 13.73 -21.73
C GLU F 6 24.65 14.56 -22.82
N SER F 7 26.00 14.59 -22.79
CA SER F 7 26.77 15.32 -23.77
C SER F 7 28.12 14.64 -23.99
N GLY F 8 28.60 14.71 -25.23
CA GLY F 8 29.86 14.13 -25.61
C GLY F 8 30.51 14.86 -26.76
N PRO F 9 31.63 14.33 -27.28
CA PRO F 9 32.33 15.02 -28.37
C PRO F 9 31.61 14.96 -29.71
N GLY F 10 31.11 13.78 -30.11
CA GLY F 10 30.41 13.65 -31.37
C GLY F 10 31.18 12.87 -32.41
N LEU F 11 32.48 13.12 -32.51
CA LEU F 11 33.32 12.42 -33.48
C LEU F 11 34.60 12.00 -32.77
N VAL F 12 35.14 10.84 -33.15
CA VAL F 12 36.25 10.26 -32.42
C VAL F 12 37.10 9.43 -33.38
N LYS F 13 38.41 9.50 -33.18
CA LYS F 13 39.41 8.78 -33.97
C LYS F 13 39.29 7.29 -33.72
N PRO F 14 39.78 6.46 -34.65
CA PRO F 14 39.70 5.00 -34.45
C PRO F 14 40.66 4.44 -33.42
N SER F 15 41.49 5.25 -32.78
CA SER F 15 42.36 4.76 -31.72
C SER F 15 42.43 5.76 -30.57
N GLU F 16 41.43 6.62 -30.48
CA GLU F 16 41.35 7.59 -29.40
C GLU F 16 40.68 6.95 -28.19
N THR F 17 40.27 7.77 -27.22
CA THR F 17 39.52 7.30 -26.08
C THR F 17 38.07 7.78 -26.15
N LEU F 18 37.21 7.10 -25.41
CA LEU F 18 35.79 7.41 -25.39
C LEU F 18 35.43 8.03 -24.05
N SER F 19 34.87 9.24 -24.08
CA SER F 19 34.53 9.93 -22.85
C SER F 19 33.35 10.85 -23.10
N LEU F 20 32.40 10.85 -22.16
CA LEU F 20 31.22 11.70 -22.22
C LEU F 20 30.62 11.80 -20.82
N THR F 21 29.79 12.81 -20.63
CA THR F 21 29.22 13.13 -19.33
C THR F 21 27.70 13.00 -19.34
N CYS F 22 27.12 13.08 -18.13
CA CYS F 22 25.67 12.99 -17.95
C CYS F 22 25.25 13.97 -16.85
N ALA F 23 24.87 15.18 -17.24
CA ALA F 23 24.38 16.16 -16.30
C ALA F 23 22.98 15.80 -15.84
N VAL F 24 22.74 15.86 -14.54
CA VAL F 24 21.49 15.36 -13.95
C VAL F 24 20.63 16.48 -13.42
N VAL F 27 18.43 16.08 -8.67
CA VAL F 27 18.47 15.15 -7.56
C VAL F 27 19.94 14.87 -7.25
N SER F 28 20.24 14.46 -6.03
CA SER F 28 21.63 14.34 -5.62
C SER F 28 22.27 13.09 -6.23
N ILE F 29 23.61 13.13 -6.31
CA ILE F 29 24.37 11.97 -6.72
C ILE F 29 24.32 10.92 -5.63
N SER F 30 24.30 11.35 -4.38
CA SER F 30 24.33 10.45 -3.23
C SER F 30 23.02 9.71 -3.00
N SER F 31 21.95 10.08 -3.70
CA SER F 31 20.69 9.39 -3.50
C SER F 31 20.66 8.04 -4.22
N PHE F 32 20.95 8.04 -5.52
CA PHE F 32 20.71 6.87 -6.34
C PHE F 32 22.01 6.21 -6.78
N LEU F 33 21.92 4.91 -7.02
CA LEU F 33 22.98 4.18 -7.71
C LEU F 33 22.81 4.41 -9.20
N TRP F 34 23.88 4.82 -9.89
CA TRP F 34 23.82 5.29 -11.25
C TRP F 34 24.54 4.37 -12.22
N ASN F 35 24.25 4.55 -13.52
CA ASN F 35 24.40 3.46 -14.47
C ASN F 35 24.58 4.02 -15.89
N TRP F 36 25.34 3.27 -16.70
CA TRP F 36 25.54 3.56 -18.13
C TRP F 36 25.19 2.31 -18.93
N ILE F 37 24.32 2.46 -19.93
CA ILE F 37 24.06 1.41 -20.91
C ILE F 37 24.13 2.02 -22.31
N ARG F 38 24.35 1.16 -23.31
CA ARG F 38 24.53 1.60 -24.68
C ARG F 38 23.73 0.75 -25.66
N GLN F 39 23.70 1.18 -26.91
CA GLN F 39 22.96 0.48 -27.96
C GLN F 39 23.65 0.63 -29.31
N PRO F 40 24.32 -0.40 -29.82
CA PRO F 40 24.83 -0.33 -31.19
C PRO F 40 23.67 -0.41 -32.18
N PRO F 41 23.87 0.04 -33.42
CA PRO F 41 22.82 -0.10 -34.42
C PRO F 41 22.61 -1.55 -34.80
N GLY F 42 21.34 -1.96 -34.85
CA GLY F 42 21.00 -3.32 -35.19
C GLY F 42 21.35 -4.34 -34.14
N LYS F 43 21.51 -3.92 -32.90
CA LYS F 43 21.84 -4.83 -31.82
C LYS F 43 21.06 -4.42 -30.58
N GLY F 44 21.07 -5.31 -29.59
CA GLY F 44 20.37 -5.05 -28.35
C GLY F 44 21.10 -4.05 -27.48
N LEU F 45 20.48 -3.73 -26.36
CA LEU F 45 21.09 -2.87 -25.37
C LEU F 45 22.23 -3.60 -24.67
N GLU F 46 23.22 -2.85 -24.21
CA GLU F 46 24.38 -3.42 -23.56
C GLU F 46 24.72 -2.61 -22.32
N TRP F 47 24.75 -3.29 -21.19
CA TRP F 47 25.13 -2.71 -19.91
C TRP F 47 26.65 -2.63 -19.86
N ILE F 48 27.20 -1.43 -19.64
CA ILE F 48 28.65 -1.31 -19.68
C ILE F 48 29.22 -1.13 -18.28
N GLY F 49 28.45 -0.62 -17.34
CA GLY F 49 28.94 -0.52 -15.97
C GLY F 49 28.07 0.38 -15.13
N GLU F 50 28.35 0.38 -13.83
CA GLU F 50 27.54 1.13 -12.88
C GLU F 50 28.39 1.60 -11.71
N ILE F 51 28.08 2.80 -11.22
CA ILE F 51 28.79 3.41 -10.10
C ILE F 51 27.81 3.45 -8.92
N ASN F 52 28.31 3.71 -7.71
CA ASN F 52 27.50 3.82 -6.52
C ASN F 52 27.29 5.29 -6.20
N GLY F 53 26.28 5.57 -5.37
CA GLY F 53 25.84 6.95 -5.20
C GLY F 53 26.71 7.76 -4.26
N ASN F 54 27.14 7.16 -3.16
CA ASN F 54 28.05 7.78 -2.22
C ASN F 54 29.51 7.60 -2.63
N SER F 55 29.77 7.30 -3.90
CA SER F 55 31.08 6.91 -4.43
C SER F 55 31.70 5.75 -3.66
N GLY F 56 30.86 4.79 -3.25
CA GLY F 56 31.35 3.68 -2.47
C GLY F 56 32.17 2.70 -3.31
N SER F 57 31.65 2.33 -4.48
CA SER F 57 32.31 1.34 -5.31
C SER F 57 31.85 1.51 -6.74
N THR F 58 32.50 0.79 -7.65
CA THR F 58 32.16 0.75 -9.06
C THR F 58 32.05 -0.70 -9.51
N TYR F 59 31.13 -0.95 -10.43
CA TYR F 59 30.99 -2.27 -11.02
C TYR F 59 30.97 -2.10 -12.53
N TYR F 60 31.68 -2.97 -13.24
CA TYR F 60 31.82 -2.84 -14.68
C TYR F 60 31.47 -4.14 -15.38
N ASN F 61 31.07 -4.01 -16.64
CA ASN F 61 30.81 -5.16 -17.49
C ASN F 61 32.13 -5.87 -17.79
N PRO F 62 32.27 -7.15 -17.43
CA PRO F 62 33.61 -7.80 -17.49
C PRO F 62 34.16 -7.98 -18.89
N SER F 63 33.31 -8.00 -19.91
CA SER F 63 33.83 -8.02 -21.27
C SER F 63 34.44 -6.67 -21.63
N LEU F 64 33.79 -5.58 -21.19
CA LEU F 64 34.32 -4.25 -21.48
C LEU F 64 35.23 -3.75 -20.37
N LYS F 65 35.42 -4.53 -19.30
CA LYS F 65 36.25 -4.10 -18.17
C LYS F 65 37.73 -4.33 -18.48
N SER F 66 38.22 -3.59 -19.46
CA SER F 66 39.65 -3.55 -19.77
C SER F 66 40.20 -2.14 -19.73
N ARG F 67 39.47 -1.17 -20.26
CA ARG F 67 39.89 0.22 -20.24
C ARG F 67 38.70 1.15 -20.02
N VAL F 68 37.81 0.78 -19.10
CA VAL F 68 36.59 1.53 -18.83
C VAL F 68 36.77 2.21 -17.47
N THR F 69 36.16 3.38 -17.31
CA THR F 69 36.22 4.13 -16.05
C THR F 69 34.98 5.01 -15.92
N ILE F 70 34.26 4.85 -14.81
CA ILE F 70 33.10 5.69 -14.52
C ILE F 70 33.41 6.53 -13.28
N SER F 71 33.34 7.84 -13.42
CA SER F 71 33.56 8.73 -12.29
C SER F 71 32.42 9.73 -12.23
N LYS F 72 32.15 10.20 -11.02
CA LYS F 72 31.08 11.15 -10.80
C LYS F 72 31.50 12.13 -9.72
N ASP F 73 30.98 13.34 -9.81
CA ASP F 73 31.27 14.39 -8.84
C ASP F 73 30.24 14.35 -7.73
N ALA F 74 30.51 15.08 -6.66
CA ALA F 74 29.62 15.12 -5.51
C ALA F 74 28.90 16.44 -5.37
N SER F 75 29.33 17.48 -6.09
CA SER F 75 28.72 18.79 -5.99
C SER F 75 28.34 19.33 -7.35
N LYS F 76 29.08 18.91 -8.38
CA LYS F 76 28.87 19.43 -9.73
C LYS F 76 27.68 18.82 -10.43
N SER F 77 26.98 17.87 -9.79
CA SER F 77 25.88 17.09 -10.37
C SER F 77 26.30 16.41 -11.66
N GLN F 78 27.49 15.81 -11.62
CA GLN F 78 28.12 15.26 -12.80
C GLN F 78 28.23 13.75 -12.67
N PHE F 79 28.36 13.10 -13.81
CA PHE F 79 28.37 11.65 -13.93
C PHE F 79 28.92 11.31 -15.29
N SER F 80 30.02 10.57 -15.34
CA SER F 80 30.73 10.46 -16.60
C SER F 80 31.33 9.08 -16.80
N LEU F 81 31.71 8.81 -18.05
CA LEU F 81 32.25 7.55 -18.52
C LEU F 81 33.59 7.80 -19.18
N ILE F 82 34.55 6.89 -18.95
CA ILE F 82 35.82 6.97 -19.65
C ILE F 82 36.20 5.58 -20.15
N LEU F 83 35.86 5.29 -21.39
CA LEU F 83 36.26 4.04 -22.03
C LEU F 83 37.49 4.28 -22.90
N GLY F 84 38.48 3.42 -22.79
CA GLY F 84 39.76 3.59 -23.48
C GLY F 84 39.94 2.53 -24.55
N SER F 85 40.77 2.87 -25.54
CA SER F 85 41.19 1.99 -26.65
C SER F 85 39.98 1.52 -27.46
N VAL F 86 39.27 2.48 -28.03
CA VAL F 86 38.07 2.20 -28.81
C VAL F 86 38.35 2.21 -30.30
N ALA F 89 33.86 -3.71 -29.73
CA ALA F 89 32.50 -3.20 -29.87
C ALA F 89 32.47 -1.70 -29.62
N ASP F 90 31.99 -0.95 -30.61
CA ASP F 90 31.96 0.50 -30.53
C ASP F 90 30.89 0.98 -31.50
N THR F 91 30.94 2.28 -31.81
CA THR F 91 30.10 2.96 -32.79
C THR F 91 28.63 2.89 -32.39
N ALA F 92 28.26 3.51 -31.28
CA ALA F 92 26.94 3.30 -30.69
C ALA F 92 26.36 4.60 -30.14
N VAL F 93 25.17 4.48 -29.57
CA VAL F 93 24.49 5.57 -28.88
C VAL F 93 24.57 5.27 -27.38
N TYR F 94 24.60 6.32 -26.56
CA TYR F 94 24.95 6.20 -25.16
C TYR F 94 23.86 6.75 -24.25
N TYR F 95 23.45 5.95 -23.26
CA TYR F 95 22.41 6.28 -22.30
C TYR F 95 22.98 6.25 -20.89
N CYS F 96 22.58 7.22 -20.07
CA CYS F 96 22.80 7.21 -18.64
C CYS F 96 21.46 7.08 -17.95
N ALA F 97 21.37 6.22 -16.94
CA ALA F 97 20.06 5.79 -16.46
C ALA F 97 20.10 5.49 -14.96
N THR F 98 18.90 5.36 -14.40
CA THR F 98 18.70 5.00 -13.01
C THR F 98 17.30 4.44 -12.84
N ARG F 99 16.97 4.03 -11.62
CA ARG F 99 15.62 3.61 -11.28
C ARG F 99 15.25 4.19 -9.93
N ASP F 100 14.37 5.18 -9.95
CA ASP F 100 13.84 5.77 -8.74
C ASP F 100 12.87 4.78 -8.11
N SER F 101 12.54 4.99 -6.84
CA SER F 101 11.59 4.13 -6.15
C SER F 101 10.79 4.99 -5.18
N GLY F 102 10.13 4.39 -4.22
CA GLY F 102 9.46 5.14 -3.19
C GLY F 102 8.05 4.68 -2.91
N PRO F 103 7.29 5.51 -2.20
CA PRO F 103 5.90 5.15 -1.92
C PRO F 103 5.03 5.17 -3.15
N ARG F 104 5.25 6.13 -4.05
CA ARG F 104 4.40 6.30 -5.23
C ARG F 104 4.99 5.58 -6.44
N GLY F 105 5.21 4.29 -6.27
CA GLY F 105 5.59 3.43 -7.36
C GLY F 105 7.05 3.53 -7.74
N VAL F 106 7.32 3.19 -9.00
CA VAL F 106 8.68 3.14 -9.54
C VAL F 106 8.73 4.10 -10.73
N ASP F 107 9.70 5.03 -10.71
CA ASP F 107 9.69 6.10 -11.69
C ASP F 107 10.59 5.81 -12.89
N ASP F 108 11.85 5.44 -12.63
CA ASP F 108 12.82 5.00 -13.65
C ASP F 108 13.10 6.07 -14.71
N TYR F 109 13.75 7.16 -14.30
CA TYR F 109 14.16 8.20 -15.23
C TYR F 109 15.35 7.76 -16.07
N TRP F 110 15.26 7.91 -17.40
CA TRP F 110 16.42 7.70 -18.26
C TRP F 110 16.73 8.96 -19.05
N GLY F 111 17.79 8.88 -19.85
CA GLY F 111 18.23 10.01 -20.65
C GLY F 111 17.90 9.85 -22.13
N GLN F 112 18.15 10.92 -22.89
CA GLN F 112 17.80 10.97 -24.30
C GLN F 112 18.75 10.15 -25.15
N GLY F 113 20.03 10.45 -25.07
CA GLY F 113 21.03 9.68 -25.80
C GLY F 113 21.84 10.52 -26.77
N VAL F 114 23.06 10.06 -27.05
CA VAL F 114 23.94 10.69 -28.02
C VAL F 114 24.82 9.62 -28.65
N LEU F 115 25.01 9.71 -29.96
CA LEU F 115 25.67 8.66 -30.72
C LEU F 115 27.15 8.97 -30.87
N VAL F 116 27.99 8.02 -30.48
CA VAL F 116 29.43 8.12 -30.64
C VAL F 116 29.86 7.12 -31.69
N THR F 117 30.55 7.60 -32.73
CA THR F 117 30.85 6.80 -33.92
C THR F 117 32.35 6.56 -33.98
N VAL F 118 32.77 5.36 -33.59
CA VAL F 118 34.16 4.94 -33.61
C VAL F 118 34.27 3.92 -34.74
N SER F 119 35.50 3.55 -35.09
CA SER F 119 35.69 2.28 -35.77
C SER F 119 35.48 1.16 -34.75
N SER F 120 34.85 0.08 -35.20
CA SER F 120 34.56 -1.04 -34.31
C SER F 120 35.80 -1.89 -34.10
N ASP G 1 28.73 -15.40 -17.21
CA ASP G 1 27.58 -14.51 -17.05
C ASP G 1 26.29 -15.31 -17.13
N ILE G 2 25.16 -14.60 -17.07
CA ILE G 2 23.83 -15.19 -17.19
C ILE G 2 23.15 -14.54 -18.38
N VAL G 3 22.83 -15.35 -19.39
CA VAL G 3 22.24 -14.86 -20.62
C VAL G 3 20.87 -15.48 -20.81
N MET G 4 20.00 -14.76 -21.52
CA MET G 4 18.66 -15.23 -21.80
C MET G 4 18.40 -15.18 -23.30
N THR G 5 17.23 -15.65 -23.69
CA THR G 5 16.76 -15.54 -25.07
C THR G 5 15.25 -15.51 -25.08
N GLN G 6 14.67 -14.54 -25.78
CA GLN G 6 13.24 -14.57 -26.05
C GLN G 6 12.95 -15.66 -27.09
N ILE G 7 11.81 -16.32 -26.96
CA ILE G 7 11.47 -17.40 -27.88
C ILE G 7 10.95 -16.88 -29.22
N PRO G 8 10.10 -15.80 -29.31
CA PRO G 8 9.92 -15.19 -30.64
C PRO G 8 10.91 -14.08 -30.93
N LEU G 9 11.55 -14.13 -32.10
CA LEU G 9 12.47 -13.06 -32.48
C LEU G 9 11.70 -11.85 -32.98
N SER G 10 10.56 -12.06 -33.61
CA SER G 10 9.65 -10.99 -33.98
C SER G 10 8.24 -11.57 -34.05
N LEU G 11 7.25 -10.71 -33.84
CA LEU G 11 5.92 -11.24 -33.61
C LEU G 11 4.86 -10.47 -34.41
N PRO G 12 4.10 -11.17 -35.26
CA PRO G 12 2.95 -10.52 -35.89
C PRO G 12 1.68 -10.66 -35.05
N VAL G 13 1.03 -9.53 -34.76
CA VAL G 13 -0.18 -9.52 -33.94
C VAL G 13 -1.19 -8.58 -34.57
N THR G 14 -2.34 -9.11 -34.90
CA THR G 14 -3.51 -8.39 -35.37
C THR G 14 -4.13 -7.57 -34.24
N PRO G 15 -4.74 -6.42 -34.54
CA PRO G 15 -5.34 -5.61 -33.48
C PRO G 15 -6.53 -6.29 -32.85
N GLY G 16 -6.50 -6.40 -31.52
CA GLY G 16 -7.54 -7.03 -30.75
C GLY G 16 -7.12 -8.34 -30.12
N GLU G 17 -6.31 -9.13 -30.81
CA GLU G 17 -5.91 -10.43 -30.28
C GLU G 17 -4.86 -10.24 -29.19
N PRO G 18 -4.82 -11.14 -28.20
CA PRO G 18 -3.77 -11.06 -27.19
C PRO G 18 -2.43 -11.47 -27.77
N ALA G 19 -1.36 -11.05 -27.10
CA ALA G 19 -0.01 -11.40 -27.48
C ALA G 19 0.68 -12.11 -26.31
N SER G 20 1.89 -12.61 -26.58
CA SER G 20 2.68 -13.27 -25.56
C SER G 20 4.16 -13.20 -25.95
N ILE G 21 4.98 -12.70 -25.04
CA ILE G 21 6.42 -12.68 -25.19
C ILE G 21 7.02 -13.53 -24.09
N SER G 22 7.83 -14.52 -24.47
CA SER G 22 8.46 -15.39 -23.49
C SER G 22 9.94 -15.06 -23.42
N CYS G 23 10.61 -15.64 -22.43
CA CYS G 23 12.00 -15.31 -22.14
C CYS G 23 12.60 -16.43 -21.31
N ARG G 24 13.72 -16.98 -21.78
CA ARG G 24 14.27 -18.19 -21.20
C ARG G 24 15.74 -17.96 -20.86
N SER G 25 16.04 -17.86 -19.56
CA SER G 25 17.37 -17.52 -19.09
C SER G 25 18.25 -18.76 -18.94
N SER G 26 19.54 -18.53 -18.72
CA SER G 26 20.48 -19.62 -18.54
C SER G 26 20.31 -20.26 -17.18
N GLN G 27 20.52 -19.48 -16.12
CA GLN G 27 20.46 -20.01 -14.77
C GLN G 27 19.62 -19.10 -13.86
N HIS G 36 10.06 -13.20 -5.69
CA HIS G 36 10.72 -11.91 -5.75
C HIS G 36 12.10 -12.03 -6.38
N THR G 37 12.15 -11.99 -7.71
CA THR G 37 13.38 -12.07 -8.49
C THR G 37 13.36 -10.97 -9.52
N SER G 38 14.50 -10.31 -9.72
CA SER G 38 14.61 -9.18 -10.63
C SER G 38 14.63 -9.66 -12.07
N LEU G 39 13.56 -9.39 -12.80
CA LEU G 39 13.60 -9.48 -14.26
C LEU G 39 12.65 -8.45 -14.83
N ASP G 40 13.14 -7.70 -15.81
CA ASP G 40 12.46 -6.48 -16.23
C ASP G 40 11.88 -6.67 -17.62
N TRP G 41 11.04 -5.72 -18.02
CA TRP G 41 10.44 -5.70 -19.35
C TRP G 41 10.33 -4.26 -19.84
N TYR G 42 10.97 -3.98 -20.97
CA TYR G 42 11.07 -2.62 -21.51
C TYR G 42 10.32 -2.50 -22.83
N LEU G 43 10.22 -1.26 -23.30
CA LEU G 43 9.55 -0.92 -24.54
C LEU G 43 10.32 0.19 -25.25
N GLN G 44 10.82 -0.09 -26.43
CA GLN G 44 11.48 0.92 -27.26
C GLN G 44 10.55 1.29 -28.40
N LYS G 45 9.71 2.29 -28.19
CA LYS G 45 9.05 2.92 -29.32
C LYS G 45 10.11 3.64 -30.16
N PRO G 46 10.00 3.60 -31.49
CA PRO G 46 11.18 3.87 -32.35
C PRO G 46 11.65 5.31 -32.29
N GLY G 47 12.87 5.50 -31.81
CA GLY G 47 13.47 6.81 -31.70
C GLY G 47 13.46 7.41 -30.32
N GLN G 48 13.07 6.67 -29.29
CA GLN G 48 13.06 7.17 -27.92
C GLN G 48 13.79 6.21 -27.00
N SER G 49 13.98 6.65 -25.77
CA SER G 49 14.62 5.85 -24.74
C SER G 49 13.68 4.72 -24.32
N PRO G 50 14.22 3.62 -23.79
CA PRO G 50 13.37 2.56 -23.27
C PRO G 50 12.58 3.03 -22.04
N GLN G 51 11.55 2.27 -21.72
CA GLN G 51 10.62 2.64 -20.67
C GLN G 51 10.19 1.39 -19.92
N LEU G 52 10.23 1.46 -18.58
CA LEU G 52 9.93 0.32 -17.75
C LEU G 52 8.43 0.08 -17.68
N LEU G 53 8.04 -1.20 -17.72
CA LEU G 53 6.64 -1.55 -17.53
C LEU G 53 6.38 -2.76 -16.64
N ILE G 54 7.38 -3.63 -16.38
CA ILE G 54 7.26 -4.75 -15.45
C ILE G 54 8.56 -4.80 -14.64
N TYR G 55 8.57 -4.37 -13.37
CA TYR G 55 9.85 -4.13 -12.73
C TYR G 55 10.42 -5.29 -11.92
N MET G 56 9.60 -6.14 -11.33
CA MET G 56 10.08 -7.46 -10.94
C MET G 56 9.17 -8.46 -11.59
N VAL G 57 9.26 -9.72 -11.16
CA VAL G 57 8.72 -10.90 -11.86
C VAL G 57 7.24 -10.75 -12.21
N SER G 58 6.48 -10.10 -11.33
CA SER G 58 5.11 -9.71 -11.67
C SER G 58 4.78 -8.45 -10.88
N ASN G 59 5.07 -7.29 -11.46
CA ASN G 59 4.67 -6.02 -10.88
C ASN G 59 4.40 -5.07 -12.04
N ARG G 60 3.94 -3.87 -11.72
CA ARG G 60 3.69 -2.90 -12.77
C ARG G 60 4.29 -1.55 -12.38
N ALA G 61 4.70 -0.81 -13.39
CA ALA G 61 5.39 0.46 -13.19
C ALA G 61 4.37 1.55 -12.88
N SER G 62 4.82 2.80 -12.93
CA SER G 62 3.98 3.90 -12.47
C SER G 62 2.90 4.26 -13.50
N GLY G 63 3.31 4.52 -14.73
CA GLY G 63 2.36 4.99 -15.73
C GLY G 63 2.00 3.97 -16.78
N VAL G 64 2.19 2.69 -16.46
CA VAL G 64 1.86 1.64 -17.44
C VAL G 64 0.35 1.46 -17.49
N PRO G 65 -0.23 1.18 -18.65
CA PRO G 65 -1.65 0.81 -18.68
C PRO G 65 -1.88 -0.56 -18.06
N ASP G 66 -3.15 -0.86 -17.82
CA ASP G 66 -3.50 -2.07 -17.09
C ASP G 66 -3.43 -3.32 -17.95
N ARG G 67 -3.10 -3.18 -19.24
CA ARG G 67 -3.18 -4.29 -20.16
C ARG G 67 -2.07 -5.31 -19.92
N PHE G 68 -0.85 -4.83 -19.68
CA PHE G 68 0.29 -5.71 -19.51
C PHE G 68 0.19 -6.48 -18.21
N SER G 69 0.89 -7.60 -18.16
CA SER G 69 0.92 -8.41 -16.96
C SER G 69 2.16 -9.29 -17.01
N GLY G 70 3.01 -9.14 -16.00
CA GLY G 70 4.16 -10.01 -15.88
C GLY G 70 3.77 -11.27 -15.14
N SER G 71 4.50 -12.33 -15.40
CA SER G 71 4.14 -13.62 -14.83
C SER G 71 5.34 -14.55 -14.80
N GLY G 72 5.09 -15.82 -14.54
CA GLY G 72 6.12 -16.82 -14.68
C GLY G 72 7.00 -16.97 -13.47
N SER G 73 7.18 -18.20 -13.03
CA SER G 73 8.17 -18.51 -12.01
C SER G 73 9.34 -19.26 -12.65
N GLY G 74 10.33 -19.59 -11.84
CA GLY G 74 11.50 -20.30 -12.33
C GLY G 74 12.34 -19.44 -13.25
N THR G 75 12.51 -19.89 -14.49
CA THR G 75 13.24 -19.13 -15.50
C THR G 75 12.37 -18.61 -16.62
N ASP G 76 11.42 -19.39 -17.11
CA ASP G 76 10.57 -18.93 -18.21
C ASP G 76 9.58 -17.90 -17.71
N PHE G 77 9.80 -16.65 -18.07
CA PHE G 77 8.91 -15.57 -17.68
C PHE G 77 8.16 -15.08 -18.90
N THR G 78 7.05 -14.38 -18.67
CA THR G 78 6.15 -14.01 -19.74
C THR G 78 5.54 -12.65 -19.44
N LEU G 79 5.63 -11.75 -20.42
CA LEU G 79 4.88 -10.50 -20.38
C LEU G 79 3.76 -10.59 -21.40
N LYS G 80 2.54 -10.73 -20.92
CA LYS G 80 1.39 -10.99 -21.78
C LYS G 80 0.67 -9.70 -22.09
N ILE G 81 0.68 -9.30 -23.36
CA ILE G 81 -0.11 -8.18 -23.82
C ILE G 81 -1.54 -8.66 -24.00
N SER G 82 -2.45 -8.10 -23.20
CA SER G 82 -3.81 -8.64 -23.15
C SER G 82 -4.63 -8.23 -24.37
N ARG G 83 -4.66 -6.93 -24.68
CA ARG G 83 -5.39 -6.41 -25.82
C ARG G 83 -4.48 -5.46 -26.57
N VAL G 84 -3.94 -5.91 -27.69
CA VAL G 84 -2.91 -5.16 -28.41
C VAL G 84 -3.64 -4.06 -29.18
N GLU G 85 -3.68 -2.87 -28.61
CA GLU G 85 -4.17 -1.72 -29.33
C GLU G 85 -3.08 -1.17 -30.24
N ALA G 86 -3.46 -0.30 -31.17
CA ALA G 86 -2.58 0.06 -32.27
C ALA G 86 -1.57 1.15 -31.91
N GLU G 87 -0.85 0.95 -30.82
CA GLU G 87 0.27 1.81 -30.46
C GLU G 87 1.40 1.04 -29.80
N ASP G 88 1.17 -0.20 -29.37
CA ASP G 88 2.22 -1.02 -28.79
C ASP G 88 3.11 -1.53 -29.90
N VAL G 89 4.06 -0.68 -30.30
CA VAL G 89 5.03 -1.01 -31.35
C VAL G 89 6.42 -0.86 -30.76
N GLY G 90 7.32 -1.77 -31.11
CA GLY G 90 8.67 -1.69 -30.59
C GLY G 90 9.19 -3.07 -30.24
N VAL G 91 10.15 -3.10 -29.31
CA VAL G 91 10.83 -4.32 -28.91
C VAL G 91 10.78 -4.47 -27.40
N TYR G 92 11.03 -5.70 -26.93
CA TYR G 92 10.79 -6.08 -25.55
C TYR G 92 11.98 -6.82 -24.99
N TYR G 93 12.46 -6.38 -23.81
CA TYR G 93 13.75 -6.82 -23.30
C TYR G 93 13.64 -7.42 -21.91
N CYS G 94 14.57 -8.32 -21.58
CA CYS G 94 14.67 -8.95 -20.27
C CYS G 94 15.97 -8.52 -19.60
N MET G 95 15.88 -7.92 -18.41
CA MET G 95 17.06 -7.58 -17.62
C MET G 95 17.16 -8.49 -16.41
N GLN G 96 18.17 -9.34 -16.37
CA GLN G 96 18.42 -10.12 -15.18
C GLN G 96 19.43 -9.35 -14.31
N SER G 97 19.04 -9.09 -13.08
CA SER G 97 19.85 -8.34 -12.14
C SER G 97 20.23 -9.17 -10.92
N VAL G 98 20.21 -10.49 -11.05
CA VAL G 98 20.51 -11.34 -9.90
C VAL G 98 22.02 -11.43 -9.69
N ASP G 99 22.80 -10.95 -10.65
CA ASP G 99 24.25 -10.92 -10.53
C ASP G 99 24.79 -9.57 -10.97
N PHE G 100 26.12 -9.46 -10.96
CA PHE G 100 26.76 -8.23 -11.41
C PHE G 100 26.69 -7.99 -12.92
N PRO G 101 26.94 -8.99 -13.84
CA PRO G 101 26.81 -8.66 -15.27
C PRO G 101 25.36 -8.51 -15.72
N TYR G 102 24.82 -7.29 -15.60
CA TYR G 102 23.47 -7.02 -16.09
C TYR G 102 23.41 -7.26 -17.59
N SER G 103 22.39 -7.97 -18.05
CA SER G 103 22.29 -8.34 -19.45
C SER G 103 20.87 -8.11 -19.93
N PHE G 104 20.73 -7.26 -20.95
CA PHE G 104 19.45 -7.04 -21.59
C PHE G 104 19.08 -8.23 -22.47
N GLY G 105 17.85 -8.21 -22.98
CA GLY G 105 17.39 -9.24 -23.88
C GLY G 105 17.83 -9.00 -25.31
N GLN G 106 17.30 -9.82 -26.21
CA GLN G 106 17.65 -9.71 -27.62
C GLN G 106 16.72 -8.75 -28.35
N GLY G 107 15.49 -8.62 -27.87
CA GLY G 107 14.52 -7.78 -28.53
C GLY G 107 13.53 -8.60 -29.34
N THR G 108 12.31 -8.09 -29.45
CA THR G 108 11.28 -8.75 -30.24
C THR G 108 10.40 -7.68 -30.86
N LYS G 109 10.59 -7.45 -32.16
CA LYS G 109 9.82 -6.45 -32.88
C LYS G 109 8.40 -6.95 -33.12
N VAL G 110 7.43 -6.24 -32.56
CA VAL G 110 6.04 -6.59 -32.72
C VAL G 110 5.52 -6.00 -34.02
N GLU G 111 4.62 -6.73 -34.68
CA GLU G 111 4.12 -6.37 -35.99
C GLU G 111 2.60 -6.30 -35.95
N ILE G 112 2.05 -5.20 -36.42
CA ILE G 112 0.60 -5.04 -36.53
C ILE G 112 0.13 -5.65 -37.84
N LYS G 113 -1.09 -6.18 -37.83
CA LYS G 113 -1.69 -6.76 -39.03
C LYS G 113 -2.99 -6.07 -39.38
#